data_1B76
#
_entry.id   1B76
#
_cell.length_a   124.800
_cell.length_b   250.900
_cell.length_c   105.700
_cell.angle_alpha   90.00
_cell.angle_beta   90.00
_cell.angle_gamma   90.00
#
_symmetry.space_group_name_H-M   'C 2 2 21'
#
loop_
_entity.id
_entity.type
_entity.pdbx_description
1 polymer 'Glycine--tRNA ligase'
2 non-polymer "ADENOSINE-5'-TRIPHOSPHATE"
3 water water
#
_entity_poly.entity_id   1
_entity_poly.type   'polypeptide(L)'
_entity_poly.pdbx_seq_one_letter_code
;AASSLDELVALCKRRGFIFQSSEIYGGLQGVYDYGPLGVELKNNLKQAWWRRNVYERDDMEGLDASVLTHRLVLHYSGHE
ATFADPMVDNAKARYWTPPRYFNMMFQDLRGPRGGRGLLAYLRPETAQGIFVNFKNVLDATSRKLGFGIAQIGKAFRNEI
TPRNFIFRVREFEQMEIEYFVRPGEDEYWHRYWVEERLKWWQEMGLSRENLVPYQQPPESSAHYAKATVDILYRFPHGSL
ELEGIAQRTDFDLGSHTKDQEALGITARVLRNEHSTQRLAYRDPETGKWFVPYVIEPSAGVDRGVLALLAEAFTREELPN
GEERIVLKLKPQLAPIKVAVIPLVKNRPEITEYAKRLKARLLALGLGRVLYEDTGNIGKAYRRHDEVGTPFAVTVDYDTI
GQSKDGTTRLKDTVTVRDRDTMEQIRLHVDELEGFLRERLRW
;
_entity_poly.pdbx_strand_id   A,B
#
loop_
_chem_comp.id
_chem_comp.type
_chem_comp.name
_chem_comp.formula
ATP non-polymer ADENOSINE-5'-TRIPHOSPHATE 'C10 H16 N5 O13 P3'
#
# COMPACT_ATOMS: atom_id res chain seq x y z
N ALA A 1 -14.23 15.82 -18.64
CA ALA A 1 -14.00 15.07 -19.87
C ALA A 1 -12.67 15.49 -20.56
N ALA A 2 -11.75 14.53 -20.73
CA ALA A 2 -10.43 14.80 -21.34
C ALA A 2 -10.26 14.12 -22.68
N SER A 3 -10.19 14.94 -23.72
CA SER A 3 -10.07 14.47 -25.08
C SER A 3 -8.95 13.50 -25.44
N SER A 4 -7.72 13.99 -25.37
CA SER A 4 -6.57 13.18 -25.75
C SER A 4 -5.77 12.58 -24.61
N LEU A 5 -5.43 11.30 -24.72
CA LEU A 5 -4.65 10.65 -23.69
C LEU A 5 -3.42 11.50 -23.46
N ASP A 6 -2.87 12.00 -24.55
CA ASP A 6 -1.70 12.83 -24.47
C ASP A 6 -1.88 13.92 -23.47
N GLU A 7 -3.07 14.53 -23.40
CA GLU A 7 -3.33 15.60 -22.42
C GLU A 7 -3.04 15.03 -21.05
N LEU A 8 -3.73 13.94 -20.73
CA LEU A 8 -3.54 13.28 -19.46
C LEU A 8 -2.08 12.97 -19.21
N VAL A 9 -1.43 12.43 -20.22
CA VAL A 9 -0.04 12.09 -20.12
C VAL A 9 0.85 13.31 -19.79
N ALA A 10 0.60 14.45 -20.40
CA ALA A 10 1.39 15.67 -20.12
C ALA A 10 1.17 16.17 -18.68
N LEU A 11 -0.09 16.40 -18.29
CA LEU A 11 -0.43 16.86 -16.93
C LEU A 11 0.15 15.90 -15.89
N CYS A 12 0.08 14.60 -16.15
CA CYS A 12 0.62 13.58 -15.24
C CYS A 12 2.10 13.75 -14.94
N LYS A 13 2.85 14.24 -15.91
CA LYS A 13 4.27 14.42 -15.70
C LYS A 13 4.58 15.85 -15.31
N ARG A 14 3.74 16.76 -15.79
CA ARG A 14 3.90 18.19 -15.50
C ARG A 14 3.55 18.54 -14.04
N ARG A 15 2.85 17.62 -13.36
CA ARG A 15 2.46 17.83 -11.96
C ARG A 15 2.99 16.75 -11.03
N GLY A 16 3.69 15.77 -11.59
CA GLY A 16 4.25 14.73 -10.75
C GLY A 16 3.26 13.69 -10.29
N PHE A 17 2.37 13.28 -11.19
CA PHE A 17 1.40 12.22 -10.90
C PHE A 17 2.10 10.95 -11.33
N ILE A 18 2.34 10.80 -12.62
CA ILE A 18 3.03 9.62 -13.13
C ILE A 18 4.27 10.06 -13.91
N PHE A 19 5.37 9.36 -13.69
CA PHE A 19 6.62 9.65 -14.35
C PHE A 19 6.98 8.40 -15.11
N GLN A 20 7.71 8.61 -16.20
CA GLN A 20 8.19 7.52 -17.02
C GLN A 20 9.28 6.78 -16.23
N SER A 21 8.96 5.63 -15.68
CA SER A 21 9.92 4.88 -14.91
C SER A 21 11.31 4.70 -15.57
N SER A 22 12.34 4.80 -14.74
CA SER A 22 13.73 4.66 -15.17
C SER A 22 14.08 5.56 -16.37
N GLU A 23 13.46 6.74 -16.40
CA GLU A 23 13.66 7.63 -17.51
C GLU A 23 15.07 8.05 -17.79
N ILE A 24 15.83 8.29 -16.75
CA ILE A 24 17.17 8.74 -16.97
C ILE A 24 17.96 7.83 -17.87
N TYR A 25 17.90 6.53 -17.65
CA TYR A 25 18.64 5.61 -18.52
C TYR A 25 17.79 5.11 -19.69
N GLY A 26 17.03 6.00 -20.30
CA GLY A 26 16.16 5.61 -21.41
C GLY A 26 14.73 5.34 -20.95
N GLY A 27 14.54 4.18 -20.32
CA GLY A 27 13.24 3.80 -19.82
C GLY A 27 12.96 2.34 -19.99
N LEU A 28 12.23 1.79 -19.03
CA LEU A 28 11.86 0.42 -19.10
C LEU A 28 10.45 0.52 -19.65
N GLN A 29 10.21 0.02 -20.86
CA GLN A 29 8.87 0.14 -21.44
C GLN A 29 7.76 -0.59 -20.69
N GLY A 30 6.57 0.00 -20.66
CA GLY A 30 5.44 -0.60 -19.97
C GLY A 30 5.51 -0.63 -18.44
N VAL A 31 6.38 0.17 -17.87
CA VAL A 31 6.51 0.21 -16.43
C VAL A 31 6.53 1.69 -16.07
N TYR A 32 5.73 2.12 -15.11
CA TYR A 32 5.68 3.54 -14.77
C TYR A 32 5.97 3.84 -13.34
N ASP A 33 6.19 5.11 -13.01
CA ASP A 33 6.44 5.51 -11.60
C ASP A 33 5.45 6.54 -11.10
N TYR A 34 4.84 6.28 -9.96
CA TYR A 34 3.87 7.24 -9.46
C TYR A 34 4.56 8.31 -8.60
N GLY A 35 4.58 9.54 -9.12
CA GLY A 35 5.19 10.64 -8.39
C GLY A 35 4.34 11.14 -7.21
N PRO A 36 4.84 12.16 -6.50
CA PRO A 36 4.18 12.77 -5.36
C PRO A 36 2.65 12.78 -5.38
N LEU A 37 2.06 13.41 -6.40
CA LEU A 37 0.59 13.51 -6.49
C LEU A 37 -0.04 12.19 -6.88
N GLY A 38 0.71 11.46 -7.70
CA GLY A 38 0.26 10.16 -8.14
C GLY A 38 0.11 9.26 -6.96
N VAL A 39 1.10 9.17 -6.09
CA VAL A 39 0.97 8.29 -4.95
C VAL A 39 -0.27 8.55 -4.13
N GLU A 40 -0.50 9.80 -3.77
CA GLU A 40 -1.68 10.13 -2.98
C GLU A 40 -2.94 9.66 -3.69
N LEU A 41 -3.17 10.13 -4.90
CA LEU A 41 -4.35 9.70 -5.65
C LEU A 41 -4.56 8.17 -5.57
N LYS A 42 -3.52 7.42 -5.89
CA LYS A 42 -3.59 5.98 -5.89
C LYS A 42 -4.01 5.42 -4.54
N ASN A 43 -3.36 5.87 -3.48
CA ASN A 43 -3.67 5.35 -2.16
C ASN A 43 -5.03 5.76 -1.72
N ASN A 44 -5.42 6.97 -2.09
CA ASN A 44 -6.74 7.47 -1.73
C ASN A 44 -7.73 6.55 -2.40
N LEU A 45 -7.40 6.13 -3.61
CA LEU A 45 -8.29 5.26 -4.32
C LEU A 45 -8.25 3.92 -3.62
N LYS A 46 -7.05 3.38 -3.43
CA LYS A 46 -6.92 2.07 -2.80
C LYS A 46 -7.64 2.00 -1.48
N GLN A 47 -7.47 3.03 -0.66
CA GLN A 47 -8.11 3.07 0.67
C GLN A 47 -9.64 3.02 0.58
N ALA A 48 -10.19 3.89 -0.27
CA ALA A 48 -11.63 3.97 -0.45
C ALA A 48 -12.17 2.61 -0.82
N TRP A 49 -11.42 1.90 -1.65
CA TRP A 49 -11.82 0.58 -2.09
C TRP A 49 -11.71 -0.38 -0.90
N TRP A 50 -10.71 -0.17 -0.04
CA TRP A 50 -10.57 -1.06 1.10
C TRP A 50 -11.64 -0.79 2.14
N ARG A 51 -11.95 0.48 2.39
CA ARG A 51 -12.99 0.84 3.37
C ARG A 51 -14.35 0.24 3.01
N ARG A 52 -14.75 0.49 1.78
CA ARG A 52 -16.02 0.01 1.22
C ARG A 52 -16.11 -1.51 1.13
N ASN A 53 -15.11 -2.18 0.58
CA ASN A 53 -15.17 -3.62 0.46
C ASN A 53 -14.75 -4.46 1.66
N VAL A 54 -14.08 -3.87 2.64
CA VAL A 54 -13.64 -4.64 3.80
C VAL A 54 -14.22 -4.17 5.11
N TYR A 55 -13.95 -2.91 5.43
CA TYR A 55 -14.39 -2.33 6.67
C TYR A 55 -15.86 -2.20 6.78
N GLU A 56 -16.45 -1.70 5.71
CA GLU A 56 -17.89 -1.48 5.62
C GLU A 56 -18.68 -2.77 5.45
N ARG A 57 -18.15 -3.73 4.69
CA ARG A 57 -18.82 -5.02 4.51
C ARG A 57 -18.66 -5.82 5.79
N ASP A 58 -19.56 -6.73 6.05
CA ASP A 58 -19.44 -7.52 7.25
C ASP A 58 -19.13 -9.00 6.95
N ASP A 59 -18.70 -9.30 5.72
CA ASP A 59 -18.43 -10.68 5.31
C ASP A 59 -17.11 -10.86 4.56
N MET A 60 -16.25 -9.87 4.61
CA MET A 60 -14.97 -9.96 3.93
C MET A 60 -13.81 -9.97 4.88
N GLU A 61 -12.72 -10.61 4.43
CA GLU A 61 -11.48 -10.67 5.19
C GLU A 61 -10.41 -10.14 4.24
N GLY A 62 -9.53 -9.28 4.72
CA GLY A 62 -8.50 -8.77 3.81
C GLY A 62 -7.29 -9.69 3.73
N LEU A 63 -6.42 -9.47 2.74
CA LEU A 63 -5.22 -10.28 2.63
C LEU A 63 -4.20 -9.50 1.86
N ASP A 64 -2.94 -9.90 2.05
CA ASP A 64 -1.79 -9.35 1.33
C ASP A 64 -0.75 -10.46 1.16
N ALA A 65 -0.86 -11.13 0.02
CA ALA A 65 0.07 -12.18 -0.33
C ALA A 65 1.27 -11.56 -1.04
N SER A 66 2.24 -12.41 -1.32
CA SER A 66 3.44 -11.97 -1.98
C SER A 66 3.40 -12.01 -3.50
N VAL A 67 4.35 -11.30 -4.08
CA VAL A 67 4.51 -11.23 -5.51
C VAL A 67 5.10 -12.55 -6.02
N LEU A 68 6.12 -13.09 -5.33
CA LEU A 68 6.77 -14.35 -5.72
C LEU A 68 5.88 -15.57 -5.52
N THR A 69 5.62 -16.28 -6.62
CA THR A 69 4.79 -17.48 -6.59
C THR A 69 5.57 -18.73 -6.96
N HIS A 70 5.35 -19.80 -6.19
CA HIS A 70 6.00 -21.07 -6.43
C HIS A 70 5.52 -21.68 -7.74
N ARG A 71 6.46 -21.97 -8.63
CA ARG A 71 6.18 -22.49 -9.96
C ARG A 71 4.88 -23.28 -10.06
N LEU A 72 4.68 -24.20 -9.11
CA LEU A 72 3.49 -25.06 -9.08
C LEU A 72 2.18 -24.32 -9.24
N VAL A 73 1.95 -23.44 -8.29
CA VAL A 73 0.73 -22.65 -8.26
C VAL A 73 0.30 -22.17 -9.63
N LEU A 74 1.14 -21.42 -10.30
CA LEU A 74 0.78 -20.92 -11.59
C LEU A 74 0.70 -22.02 -12.64
N HIS A 75 1.17 -23.21 -12.28
CA HIS A 75 1.11 -24.35 -13.18
C HIS A 75 -0.34 -24.85 -13.07
N TYR A 76 -0.76 -25.07 -11.82
CA TYR A 76 -2.11 -25.51 -11.47
C TYR A 76 -3.23 -24.53 -11.76
N SER A 77 -2.89 -23.27 -12.02
CA SER A 77 -3.93 -22.31 -12.31
C SER A 77 -4.12 -22.28 -13.80
N GLY A 78 -3.18 -22.90 -14.48
CA GLY A 78 -3.23 -22.91 -15.92
C GLY A 78 -2.24 -21.90 -16.43
N HIS A 79 -2.18 -20.71 -15.81
CA HIS A 79 -1.26 -19.63 -16.19
C HIS A 79 0.01 -20.04 -16.92
N GLU A 80 0.71 -21.04 -16.37
CA GLU A 80 1.94 -21.58 -16.98
C GLU A 80 1.54 -22.01 -18.39
N ALA A 81 0.70 -23.04 -18.42
CA ALA A 81 0.14 -23.63 -19.63
C ALA A 81 -0.53 -22.68 -20.62
N THR A 82 -1.68 -22.14 -20.22
CA THR A 82 -2.47 -21.26 -21.10
C THR A 82 -2.35 -19.73 -21.06
N PHE A 83 -1.77 -19.17 -19.99
CA PHE A 83 -1.64 -17.73 -19.90
C PHE A 83 -0.56 -17.32 -20.89
N ALA A 84 -0.97 -17.01 -22.10
CA ALA A 84 -0.03 -16.65 -23.13
C ALA A 84 -0.70 -16.05 -24.36
N ASP A 85 0.03 -15.16 -25.03
CA ASP A 85 -0.45 -14.47 -26.23
C ASP A 85 0.32 -14.92 -27.47
N PRO A 86 -0.39 -15.18 -28.57
CA PRO A 86 0.22 -15.61 -29.83
C PRO A 86 1.06 -14.53 -30.51
N MET A 87 2.34 -14.80 -30.72
CA MET A 87 3.18 -13.79 -31.38
C MET A 87 3.92 -14.28 -32.63
N VAL A 88 4.61 -13.33 -33.29
CA VAL A 88 5.40 -13.55 -34.52
C VAL A 88 6.34 -12.36 -34.74
N ASP A 89 7.18 -12.43 -35.76
CA ASP A 89 8.10 -11.32 -36.06
C ASP A 89 8.57 -11.45 -37.51
N ASN A 90 9.38 -10.51 -38.00
CA ASN A 90 9.87 -10.57 -39.40
C ASN A 90 11.27 -10.01 -39.68
N ALA A 91 11.32 -8.69 -39.89
CA ALA A 91 12.56 -7.94 -40.17
C ALA A 91 12.73 -6.76 -39.17
N LYS A 92 11.70 -6.54 -38.36
CA LYS A 92 11.68 -5.48 -37.36
C LYS A 92 11.59 -6.06 -35.93
N ALA A 93 10.41 -5.99 -35.34
CA ALA A 93 10.16 -6.47 -33.97
C ALA A 93 9.19 -7.67 -33.82
N ARG A 94 8.71 -7.88 -32.59
CA ARG A 94 7.80 -8.99 -32.28
C ARG A 94 6.36 -8.48 -32.10
N TYR A 95 5.43 -9.02 -32.88
CA TYR A 95 4.02 -8.60 -32.81
C TYR A 95 3.06 -9.78 -32.64
N TRP A 96 8.59 -13.09 -42.13
CA TRP A 96 7.54 -13.35 -41.15
C TRP A 96 7.53 -14.71 -40.49
N THR A 97 8.24 -14.78 -39.37
CA THR A 97 8.35 -16.00 -38.59
C THR A 97 6.98 -16.61 -38.28
N PRO A 98 6.97 -17.93 -38.03
CA PRO A 98 5.75 -18.68 -37.71
C PRO A 98 5.30 -18.34 -36.30
N PRO A 99 3.99 -18.44 -36.06
CA PRO A 99 3.38 -18.15 -34.77
C PRO A 99 3.79 -19.07 -33.64
N ARG A 100 3.50 -18.60 -32.44
CA ARG A 100 3.82 -19.31 -31.25
C ARG A 100 3.25 -18.47 -30.16
N TYR A 101 2.55 -19.12 -29.25
CA TYR A 101 2.00 -18.41 -28.12
C TYR A 101 3.25 -18.03 -27.30
N PHE A 102 3.31 -16.80 -26.82
CA PHE A 102 4.43 -16.37 -26.00
C PHE A 102 3.91 -16.21 -24.60
N ASN A 103 4.48 -16.94 -23.64
CA ASN A 103 3.98 -16.82 -22.27
C ASN A 103 4.33 -15.46 -21.79
N MET A 104 3.44 -14.91 -21.00
CA MET A 104 3.58 -13.57 -20.52
C MET A 104 4.08 -13.34 -19.10
N MET A 105 4.13 -14.40 -18.30
CA MET A 105 4.58 -14.28 -16.91
C MET A 105 6.08 -14.07 -16.81
N PHE A 106 6.48 -13.30 -15.81
CA PHE A 106 7.90 -13.05 -15.56
C PHE A 106 8.43 -14.26 -14.78
N GLN A 107 9.71 -14.55 -14.97
CA GLN A 107 10.33 -15.69 -14.36
C GLN A 107 11.53 -15.18 -13.62
N ASP A 108 12.04 -15.99 -12.72
CA ASP A 108 13.18 -15.58 -11.92
C ASP A 108 13.49 -16.81 -11.06
N LEU A 109 14.78 -17.12 -10.82
CA LEU A 109 15.12 -18.31 -10.02
C LEU A 109 15.78 -18.06 -8.64
N ARG A 110 15.71 -19.08 -7.77
CA ARG A 110 16.27 -18.98 -6.43
C ARG A 110 17.77 -19.09 -6.28
N GLY A 111 18.42 -17.93 -6.17
CA GLY A 111 19.86 -17.88 -5.99
C GLY A 111 20.68 -19.01 -6.60
N PRO A 112 21.70 -19.50 -5.86
CA PRO A 112 22.60 -20.59 -6.28
C PRO A 112 22.74 -20.71 -7.81
N ARG A 113 21.99 -21.63 -8.41
CA ARG A 113 22.07 -21.88 -9.83
C ARG A 113 20.86 -21.27 -10.56
N GLY A 114 20.19 -22.10 -11.35
CA GLY A 114 19.02 -21.66 -12.08
C GLY A 114 18.23 -22.90 -12.45
N GLY A 115 18.17 -23.84 -11.51
CA GLY A 115 17.45 -25.07 -11.73
C GLY A 115 15.97 -24.84 -11.89
N ARG A 116 15.36 -25.61 -12.81
CA ARG A 116 13.92 -25.50 -13.07
C ARG A 116 13.16 -25.74 -11.76
N GLY A 117 13.84 -26.36 -10.80
CA GLY A 117 13.24 -26.64 -9.51
C GLY A 117 13.11 -25.38 -8.66
N LEU A 118 14.10 -24.48 -8.79
CA LEU A 118 14.12 -23.22 -8.06
C LEU A 118 13.61 -22.04 -8.88
N LEU A 119 12.71 -22.35 -9.79
CA LEU A 119 12.07 -21.36 -10.64
C LEU A 119 10.94 -20.74 -9.84
N ALA A 120 10.79 -19.44 -9.95
CA ALA A 120 9.74 -18.73 -9.24
C ALA A 120 9.09 -17.79 -10.22
N TYR A 121 7.82 -17.48 -10.03
CA TYR A 121 7.13 -16.54 -10.93
C TYR A 121 6.65 -15.28 -10.22
N LEU A 122 6.56 -14.20 -10.97
CA LEU A 122 6.05 -12.96 -10.42
C LEU A 122 4.56 -13.10 -10.74
N ARG A 123 3.74 -13.05 -9.69
CA ARG A 123 2.29 -13.20 -9.84
C ARG A 123 1.68 -12.37 -10.98
N PRO A 124 1.05 -13.07 -11.94
CA PRO A 124 0.44 -12.37 -13.07
C PRO A 124 -0.79 -11.62 -12.56
N GLU A 125 -1.35 -12.11 -11.47
CA GLU A 125 -2.54 -11.54 -10.86
C GLU A 125 -2.51 -11.87 -9.38
N THR A 126 -3.13 -11.02 -8.57
CA THR A 126 -3.13 -11.24 -7.14
C THR A 126 -4.08 -12.38 -6.69
N ALA A 127 -5.08 -12.67 -7.51
CA ALA A 127 -6.09 -13.70 -7.22
C ALA A 127 -5.57 -15.02 -6.70
N GLN A 128 -4.46 -15.48 -7.27
CA GLN A 128 -3.89 -16.77 -6.89
C GLN A 128 -3.58 -16.98 -5.40
N GLY A 129 -2.89 -16.01 -4.81
CA GLY A 129 -2.55 -16.05 -3.39
C GLY A 129 -3.79 -16.14 -2.48
N ILE A 130 -4.94 -15.74 -3.01
CA ILE A 130 -6.17 -15.82 -2.24
C ILE A 130 -6.58 -17.29 -2.24
N PHE A 131 -6.84 -17.82 -3.42
CA PHE A 131 -7.22 -19.23 -3.55
C PHE A 131 -6.34 -20.13 -2.71
N VAL A 132 -5.04 -20.10 -2.96
CA VAL A 132 -4.08 -20.94 -2.24
C VAL A 132 -4.10 -20.72 -0.73
N ASN A 133 -4.69 -19.62 -0.29
CA ASN A 133 -4.74 -19.36 1.15
C ASN A 133 -6.11 -19.60 1.77
N PHE A 134 -7.09 -19.95 0.93
CA PHE A 134 -8.46 -20.21 1.37
C PHE A 134 -8.51 -20.91 2.71
N LYS A 135 -8.03 -22.14 2.78
CA LYS A 135 -8.04 -22.89 4.03
C LYS A 135 -7.42 -22.12 5.17
N ASN A 136 -6.24 -21.57 4.95
CA ASN A 136 -5.55 -20.83 6.02
C ASN A 136 -6.33 -19.66 6.56
N VAL A 137 -7.00 -18.90 5.69
CA VAL A 137 -7.78 -17.78 6.14
C VAL A 137 -9.00 -18.33 6.90
N LEU A 138 -9.69 -19.27 6.28
CA LEU A 138 -10.87 -19.90 6.85
C LEU A 138 -10.62 -20.45 8.22
N ASP A 139 -9.51 -21.15 8.36
CA ASP A 139 -9.15 -21.74 9.62
C ASP A 139 -9.00 -20.66 10.66
N ALA A 140 -8.15 -19.68 10.36
CA ALA A 140 -7.87 -18.59 11.28
C ALA A 140 -9.09 -17.79 11.67
N THR A 141 -10.04 -17.69 10.75
CA THR A 141 -11.23 -16.91 10.97
C THR A 141 -12.51 -17.68 11.29
N SER A 142 -12.55 -18.97 10.92
CA SER A 142 -13.72 -19.86 11.08
C SER A 142 -14.95 -19.24 10.38
N ARG A 143 -14.67 -18.72 9.19
CA ARG A 143 -15.65 -18.08 8.35
C ARG A 143 -16.78 -19.01 7.93
N LYS A 144 -17.95 -18.43 7.71
CA LYS A 144 -19.09 -19.18 7.26
C LYS A 144 -19.24 -18.74 5.83
N LEU A 145 -19.93 -19.54 5.02
CA LEU A 145 -19.96 -19.28 3.60
C LEU A 145 -20.26 -17.97 2.89
N GLY A 146 -21.42 -17.33 2.99
CA GLY A 146 -21.52 -16.07 2.23
C GLY A 146 -20.33 -15.21 2.67
N PHE A 147 -19.17 -15.31 2.04
CA PHE A 147 -17.99 -14.55 2.47
C PHE A 147 -16.92 -14.45 1.40
N GLY A 148 -16.21 -13.33 1.35
CA GLY A 148 -15.17 -13.14 0.35
C GLY A 148 -13.88 -12.75 0.99
N ILE A 149 -12.80 -12.64 0.20
CA ILE A 149 -11.51 -12.24 0.74
C ILE A 149 -10.91 -11.19 -0.22
N ALA A 150 -10.99 -9.91 0.11
CA ALA A 150 -10.46 -8.91 -0.77
C ALA A 150 -8.96 -8.74 -0.52
N GLN A 151 -8.28 -8.23 -1.53
CA GLN A 151 -6.84 -8.01 -1.46
C GLN A 151 -6.35 -7.11 -2.59
N ILE A 152 -5.60 -6.08 -2.23
CA ILE A 152 -5.01 -5.22 -3.25
C ILE A 152 -3.56 -5.66 -3.30
N GLY A 153 -2.98 -5.62 -4.49
CA GLY A 153 -1.60 -6.06 -4.60
C GLY A 153 -1.00 -5.92 -5.98
N LYS A 154 0.31 -6.12 -6.05
CA LYS A 154 1.05 -6.02 -7.31
C LYS A 154 0.76 -7.17 -8.24
N ALA A 155 0.92 -6.96 -9.54
CA ALA A 155 0.69 -8.01 -10.51
C ALA A 155 1.55 -7.65 -11.69
N PHE A 156 2.40 -8.57 -12.09
CA PHE A 156 3.28 -8.33 -13.22
C PHE A 156 2.78 -9.11 -14.40
N ARG A 157 2.91 -8.53 -15.59
CA ARG A 157 2.41 -9.18 -16.77
C ARG A 157 3.19 -8.65 -17.93
N ASN A 158 4.02 -9.51 -18.51
CA ASN A 158 4.92 -9.13 -19.63
C ASN A 158 4.38 -8.85 -21.04
N GLU A 159 3.42 -7.94 -21.16
CA GLU A 159 2.87 -7.61 -22.46
C GLU A 159 3.90 -7.39 -23.54
N ILE A 160 3.64 -7.95 -24.72
CA ILE A 160 4.55 -7.81 -25.85
C ILE A 160 4.54 -6.43 -26.46
N THR A 161 3.37 -5.81 -26.49
CA THR A 161 3.32 -4.46 -27.00
C THR A 161 2.44 -3.74 -25.99
N PRO A 162 3.07 -2.98 -25.07
CA PRO A 162 2.39 -2.22 -24.01
C PRO A 162 1.75 -0.96 -24.57
N ARG A 163 0.41 -0.93 -24.60
CA ARG A 163 -0.35 0.19 -25.15
C ARG A 163 -0.43 1.47 -24.34
N ASN A 164 -1.03 2.45 -24.98
CA ASN A 164 -1.23 3.77 -24.44
C ASN A 164 -1.26 4.02 -22.92
N PHE A 165 -0.25 4.76 -22.50
CA PHE A 165 -0.05 5.21 -21.14
C PHE A 165 -0.24 4.19 -20.02
N ILE A 166 -0.97 4.61 -18.99
CA ILE A 166 -1.24 3.79 -17.81
C ILE A 166 -2.13 2.58 -18.10
N PHE A 167 -2.85 2.61 -19.22
CA PHE A 167 -3.74 1.51 -19.56
C PHE A 167 -3.17 0.09 -19.66
N ARG A 168 -2.17 -0.14 -20.53
CA ARG A 168 -1.54 -1.47 -20.69
C ARG A 168 -0.06 -1.59 -20.30
N VAL A 169 0.22 -1.86 -19.02
CA VAL A 169 1.62 -1.98 -18.56
C VAL A 169 2.04 -3.37 -18.11
N ARG A 170 3.35 -3.54 -17.97
CA ARG A 170 3.95 -4.79 -17.55
C ARG A 170 4.00 -4.93 -16.04
N GLU A 171 3.90 -3.79 -15.35
CA GLU A 171 3.87 -3.75 -13.89
C GLU A 171 2.69 -2.91 -13.43
N PHE A 172 1.82 -3.53 -12.64
CA PHE A 172 0.66 -2.80 -12.13
C PHE A 172 0.19 -3.51 -10.88
N GLU A 173 -0.84 -2.95 -10.26
CA GLU A 173 -1.43 -3.55 -9.07
C GLU A 173 -2.93 -3.47 -9.25
N GLN A 174 -3.64 -4.36 -8.57
CA GLN A 174 -5.08 -4.40 -8.72
C GLN A 174 -5.74 -4.94 -7.52
N MET A 175 -6.81 -4.30 -7.12
CA MET A 175 -7.55 -4.76 -5.96
C MET A 175 -8.52 -5.84 -6.38
N GLU A 176 -8.32 -7.06 -5.89
CA GLU A 176 -9.18 -8.17 -6.24
C GLU A 176 -10.02 -8.70 -5.10
N ILE A 177 -11.19 -9.24 -5.42
CA ILE A 177 -12.08 -9.80 -4.40
C ILE A 177 -12.41 -11.20 -4.85
N GLU A 178 -12.38 -12.14 -3.91
CA GLU A 178 -12.71 -13.52 -4.24
C GLU A 178 -13.88 -13.87 -3.30
N TYR A 179 -15.08 -13.57 -3.78
CA TYR A 179 -16.30 -13.82 -3.03
C TYR A 179 -16.63 -15.27 -3.15
N PHE A 180 -16.38 -16.02 -2.09
CA PHE A 180 -16.64 -17.45 -2.09
C PHE A 180 -18.11 -17.77 -1.74
N VAL A 181 -18.86 -18.29 -2.69
CA VAL A 181 -20.24 -18.54 -2.41
C VAL A 181 -20.65 -19.95 -2.71
N ARG A 182 -21.70 -20.41 -2.04
CA ARG A 182 -22.23 -21.74 -2.23
C ARG A 182 -22.65 -21.88 -3.70
N PRO A 183 -22.46 -23.06 -4.30
CA PRO A 183 -22.77 -23.42 -5.67
C PRO A 183 -23.96 -22.81 -6.33
N GLY A 184 -25.16 -23.12 -5.88
CA GLY A 184 -26.33 -22.54 -6.54
C GLY A 184 -26.47 -21.02 -6.69
N GLU A 185 -26.06 -20.27 -5.67
CA GLU A 185 -26.17 -18.82 -5.65
C GLU A 185 -25.22 -17.99 -6.53
N ASP A 186 -24.36 -18.62 -7.32
CA ASP A 186 -23.44 -17.83 -8.13
C ASP A 186 -24.14 -16.85 -9.05
N GLU A 187 -25.14 -17.34 -9.78
CA GLU A 187 -25.93 -16.52 -10.71
C GLU A 187 -26.31 -15.20 -10.12
N TYR A 188 -26.67 -15.24 -8.85
CA TYR A 188 -27.12 -14.06 -8.16
C TYR A 188 -25.96 -13.15 -7.80
N TRP A 189 -25.04 -13.70 -7.04
CA TRP A 189 -23.92 -12.94 -6.60
C TRP A 189 -23.24 -12.24 -7.72
N HIS A 190 -23.11 -12.88 -8.87
CA HIS A 190 -22.42 -12.23 -9.97
C HIS A 190 -23.17 -10.97 -10.35
N ARG A 191 -24.49 -11.00 -10.29
CA ARG A 191 -25.29 -9.82 -10.66
C ARG A 191 -25.01 -8.79 -9.60
N TYR A 192 -25.21 -9.25 -8.36
CA TYR A 192 -25.02 -8.46 -7.16
C TYR A 192 -23.77 -7.59 -7.25
N TRP A 193 -22.63 -8.23 -7.47
CA TRP A 193 -21.37 -7.54 -7.59
C TRP A 193 -21.25 -6.63 -8.79
N VAL A 194 -21.61 -7.09 -9.98
CA VAL A 194 -21.48 -6.18 -11.13
C VAL A 194 -22.26 -4.93 -10.82
N GLU A 195 -23.44 -5.10 -10.24
CA GLU A 195 -24.25 -3.98 -9.86
C GLU A 195 -23.50 -3.10 -8.89
N GLU A 196 -23.14 -3.69 -7.76
CA GLU A 196 -22.42 -2.99 -6.72
C GLU A 196 -21.17 -2.27 -7.22
N ARG A 197 -20.24 -3.01 -7.82
CA ARG A 197 -19.01 -2.41 -8.30
C ARG A 197 -19.30 -1.26 -9.26
N LEU A 198 -20.43 -1.37 -9.96
CA LEU A 198 -20.80 -0.31 -10.88
C LEU A 198 -21.24 0.86 -10.00
N LYS A 199 -22.02 0.53 -8.97
CA LYS A 199 -22.51 1.52 -8.05
C LYS A 199 -21.38 2.35 -7.50
N TRP A 200 -20.33 1.67 -7.04
CA TRP A 200 -19.16 2.32 -6.48
C TRP A 200 -18.42 3.24 -7.46
N TRP A 201 -17.96 2.74 -8.60
CA TRP A 201 -17.19 3.60 -9.51
C TRP A 201 -17.83 4.91 -9.76
N GLN A 202 -19.15 4.97 -9.68
CA GLN A 202 -19.83 6.22 -9.93
C GLN A 202 -19.54 7.12 -8.75
N GLU A 203 -19.70 6.57 -7.55
CA GLU A 203 -19.47 7.33 -6.31
C GLU A 203 -18.07 7.84 -6.25
N MET A 204 -17.14 7.22 -6.97
CA MET A 204 -15.76 7.67 -6.96
C MET A 204 -15.55 8.82 -7.92
N GLY A 205 -16.58 9.11 -8.72
CA GLY A 205 -16.52 10.21 -9.67
C GLY A 205 -16.89 9.86 -11.12
N LEU A 206 -16.64 8.62 -11.52
CA LEU A 206 -16.95 8.18 -12.87
C LEU A 206 -18.45 8.31 -13.14
N SER A 207 -18.81 9.12 -14.13
CA SER A 207 -20.21 9.34 -14.51
C SER A 207 -20.80 8.09 -15.16
N ARG A 208 -22.04 7.79 -14.82
CA ARG A 208 -22.74 6.59 -15.32
C ARG A 208 -22.71 6.53 -16.83
N GLU A 209 -22.81 7.73 -17.42
CA GLU A 209 -22.78 7.93 -18.88
C GLU A 209 -21.54 7.29 -19.52
N ASN A 210 -20.43 7.29 -18.79
CA ASN A 210 -19.19 6.75 -19.31
C ASN A 210 -18.89 5.32 -18.94
N LEU A 211 -19.73 4.74 -18.10
CA LEU A 211 -19.54 3.36 -17.72
C LEU A 211 -20.44 2.46 -18.51
N VAL A 212 -19.88 1.39 -19.06
CA VAL A 212 -20.61 0.43 -19.87
C VAL A 212 -20.42 -0.98 -19.31
N PRO A 213 -21.50 -1.74 -19.18
CA PRO A 213 -21.40 -3.09 -18.65
C PRO A 213 -21.40 -4.18 -19.72
N TYR A 214 -20.36 -4.19 -20.54
CA TYR A 214 -20.25 -5.20 -21.59
C TYR A 214 -20.20 -6.59 -21.00
N GLN A 215 -20.94 -7.50 -21.61
CA GLN A 215 -20.97 -8.89 -21.15
C GLN A 215 -20.26 -9.72 -22.19
N GLN A 216 -19.06 -10.18 -21.88
CA GLN A 216 -18.32 -10.99 -22.83
C GLN A 216 -19.02 -12.32 -23.12
N PRO A 217 -19.33 -12.56 -24.42
CA PRO A 217 -20.01 -13.76 -24.92
C PRO A 217 -19.06 -14.92 -25.07
N PRO A 218 -19.45 -16.17 -24.68
CA PRO A 218 -18.72 -17.44 -24.70
C PRO A 218 -17.41 -17.42 -25.46
N GLU A 219 -17.48 -16.95 -26.70
CA GLU A 219 -16.33 -16.84 -27.56
C GLU A 219 -15.23 -16.08 -26.86
N SER A 220 -15.62 -15.26 -25.90
CA SER A 220 -14.69 -14.43 -25.15
C SER A 220 -14.52 -14.91 -23.70
N SER A 221 -15.59 -15.49 -23.17
CA SER A 221 -15.60 -15.97 -21.79
C SER A 221 -14.45 -16.94 -21.54
N ALA A 222 -13.30 -16.38 -21.17
CA ALA A 222 -12.09 -17.15 -20.92
C ALA A 222 -12.35 -18.29 -19.96
N HIS A 223 -11.76 -19.43 -20.30
CA HIS A 223 -11.88 -20.69 -19.54
C HIS A 223 -12.57 -20.72 -18.16
N TYR A 224 -11.81 -20.29 -17.14
CA TYR A 224 -12.25 -20.31 -15.75
C TYR A 224 -13.55 -19.60 -15.46
N ALA A 225 -13.86 -18.66 -16.30
CA ALA A 225 -15.07 -17.90 -16.13
C ALA A 225 -16.23 -18.53 -16.90
N LYS A 226 -17.31 -18.85 -16.17
CA LYS A 226 -18.51 -19.40 -16.77
C LYS A 226 -19.11 -18.20 -17.49
N ALA A 227 -19.25 -17.09 -16.80
CA ALA A 227 -19.79 -15.87 -17.38
C ALA A 227 -18.94 -14.73 -16.81
N THR A 228 -18.92 -13.58 -17.48
CA THR A 228 -18.13 -12.48 -16.97
C THR A 228 -18.45 -11.13 -17.61
N VAL A 229 -18.81 -10.16 -16.77
CA VAL A 229 -19.12 -8.82 -17.20
C VAL A 229 -17.96 -7.87 -16.98
N ASP A 230 -17.62 -7.08 -17.98
CA ASP A 230 -16.52 -6.14 -17.86
C ASP A 230 -17.11 -4.76 -17.74
N ILE A 231 -16.57 -3.92 -16.87
CA ILE A 231 -17.11 -2.57 -16.76
C ILE A 231 -16.20 -1.71 -17.57
N LEU A 232 -16.68 -1.31 -18.73
CA LEU A 232 -15.91 -0.49 -19.66
C LEU A 232 -16.05 0.95 -19.29
N TYR A 233 -15.00 1.71 -19.58
CA TYR A 233 -14.98 3.14 -19.32
C TYR A 233 -14.51 3.85 -20.58
N ARG A 234 -15.15 4.98 -20.89
CA ARG A 234 -14.82 5.78 -22.06
C ARG A 234 -13.46 6.47 -21.92
N PHE A 235 -12.38 5.71 -22.13
CA PHE A 235 -11.03 6.25 -22.06
C PHE A 235 -10.86 7.20 -23.25
N PRO A 236 -9.95 8.20 -23.15
CA PRO A 236 -9.78 9.12 -24.29
C PRO A 236 -9.68 8.33 -25.59
N HIS A 237 -8.84 7.31 -25.55
CA HIS A 237 -8.59 6.43 -26.70
C HIS A 237 -9.70 5.41 -27.03
N GLY A 238 -10.81 5.45 -26.28
CA GLY A 238 -11.91 4.53 -26.54
C GLY A 238 -12.37 3.75 -25.31
N SER A 239 -13.62 3.31 -25.38
CA SER A 239 -14.28 2.54 -24.33
C SER A 239 -13.57 1.18 -24.07
N LEU A 240 -12.68 1.12 -23.08
CA LEU A 240 -12.00 -0.16 -22.77
C LEU A 240 -12.26 -0.65 -21.33
N GLU A 241 -11.74 -1.82 -20.97
CA GLU A 241 -11.94 -2.45 -19.63
C GLU A 241 -11.42 -1.68 -18.40
N LEU A 242 -12.24 -1.57 -17.36
CA LEU A 242 -11.82 -0.90 -16.14
C LEU A 242 -11.76 -1.92 -15.01
N GLU A 243 -12.79 -2.75 -14.89
CA GLU A 243 -12.81 -3.77 -13.88
C GLU A 243 -13.46 -4.94 -14.61
N GLY A 244 -13.25 -6.16 -14.15
CA GLY A 244 -13.86 -7.29 -14.81
C GLY A 244 -14.47 -8.20 -13.77
N ILE A 245 -15.78 -8.15 -13.60
CA ILE A 245 -16.41 -9.01 -12.61
C ILE A 245 -16.70 -10.38 -13.22
N ALA A 246 -15.79 -11.32 -12.95
CA ALA A 246 -15.88 -12.67 -13.47
C ALA A 246 -16.65 -13.58 -12.57
N GLN A 247 -17.03 -14.71 -13.11
CA GLN A 247 -17.75 -15.67 -12.34
C GLN A 247 -17.06 -16.99 -12.49
N ARG A 248 -15.78 -17.06 -12.09
CA ARG A 248 -15.07 -18.35 -12.13
C ARG A 248 -15.98 -19.27 -11.32
N THR A 249 -15.92 -20.57 -11.52
CA THR A 249 -16.86 -21.35 -10.78
C THR A 249 -16.30 -21.94 -9.54
N ASP A 250 -15.54 -23.01 -9.66
CA ASP A 250 -14.93 -23.62 -8.49
C ASP A 250 -13.65 -24.24 -8.98
N PHE A 251 -13.27 -23.73 -10.15
CA PHE A 251 -12.07 -24.14 -10.84
C PHE A 251 -10.83 -23.77 -10.04
N ASP A 252 -10.86 -22.61 -9.38
CA ASP A 252 -9.70 -22.18 -8.60
C ASP A 252 -9.44 -23.07 -7.43
N LEU A 253 -10.30 -23.01 -6.42
CA LEU A 253 -10.12 -23.84 -5.24
C LEU A 253 -9.89 -25.27 -5.69
N GLY A 254 -10.57 -25.64 -6.77
CA GLY A 254 -10.42 -26.98 -7.31
C GLY A 254 -9.00 -27.29 -7.76
N SER A 255 -8.53 -26.55 -8.76
CA SER A 255 -7.19 -26.72 -9.31
C SER A 255 -6.12 -26.67 -8.27
N HIS A 256 -6.50 -26.29 -7.05
CA HIS A 256 -5.56 -26.17 -5.93
C HIS A 256 -5.90 -26.97 -4.71
N THR A 257 -6.91 -27.82 -4.75
CA THR A 257 -7.28 -28.55 -3.54
C THR A 257 -6.83 -29.98 -3.47
N LYS A 258 -6.76 -30.49 -2.25
CA LYS A 258 -6.38 -31.88 -1.96
C LYS A 258 -7.63 -32.74 -2.14
N ASP A 259 -7.46 -33.98 -2.60
CA ASP A 259 -8.54 -34.95 -2.84
C ASP A 259 -9.75 -34.46 -3.63
N GLN A 260 -9.43 -33.89 -4.79
CA GLN A 260 -10.42 -33.33 -5.71
C GLN A 260 -11.59 -34.24 -6.00
N GLU A 261 -11.37 -35.53 -5.78
CA GLU A 261 -12.34 -36.56 -6.04
C GLU A 261 -13.46 -36.65 -4.99
N ALA A 262 -13.11 -36.67 -3.71
CA ALA A 262 -14.12 -36.76 -2.67
C ALA A 262 -15.04 -35.53 -2.62
N LEU A 263 -14.45 -34.36 -2.49
CA LEU A 263 -15.18 -33.09 -2.45
C LEU A 263 -15.53 -32.74 -3.89
N GLY A 264 -16.56 -33.43 -4.36
CA GLY A 264 -17.05 -33.32 -5.74
C GLY A 264 -16.84 -32.07 -6.56
N ILE A 265 -15.75 -32.01 -7.30
CA ILE A 265 -15.52 -30.83 -8.07
C ILE A 265 -16.42 -30.74 -9.27
N THR A 266 -16.46 -29.56 -9.87
CA THR A 266 -17.30 -29.28 -11.04
C THR A 266 -16.48 -28.98 -12.30
N ALA A 267 -15.89 -27.80 -12.37
CA ALA A 267 -15.10 -27.42 -13.52
C ALA A 267 -13.87 -28.30 -13.68
N ARG A 268 -13.31 -28.30 -14.88
CA ARG A 268 -12.15 -29.10 -15.19
C ARG A 268 -10.93 -28.57 -14.45
N VAL A 269 -10.15 -29.47 -13.87
CA VAL A 269 -8.94 -29.10 -13.14
C VAL A 269 -7.88 -30.17 -13.42
N LEU A 270 -6.76 -30.14 -12.72
CA LEU A 270 -5.75 -31.16 -12.95
C LEU A 270 -5.63 -31.95 -11.69
N ARG A 271 -5.24 -33.21 -11.82
CA ARG A 271 -5.05 -34.02 -10.64
C ARG A 271 -3.99 -33.31 -9.81
N ASN A 272 -4.43 -32.71 -8.72
CA ASN A 272 -3.51 -32.03 -7.86
C ASN A 272 -2.80 -33.15 -7.14
N GLU A 273 -1.57 -33.40 -7.56
CA GLU A 273 -0.72 -34.44 -7.00
C GLU A 273 0.15 -33.86 -5.87
N HIS A 274 -0.02 -32.56 -5.58
CA HIS A 274 0.77 -31.89 -4.56
C HIS A 274 0.10 -31.16 -3.42
N SER A 275 -1.09 -30.59 -3.60
CA SER A 275 -1.71 -29.86 -2.48
C SER A 275 -1.70 -30.62 -1.15
N THR A 276 -1.18 -29.99 -0.13
CA THR A 276 -1.14 -30.61 1.18
C THR A 276 -2.39 -30.22 1.96
N GLN A 277 -3.27 -29.46 1.30
CA GLN A 277 -4.51 -28.98 1.93
C GLN A 277 -5.72 -29.08 1.05
N ARG A 278 -6.84 -29.41 1.66
CA ARG A 278 -8.08 -29.48 0.93
C ARG A 278 -8.77 -28.12 1.05
N LEU A 279 -8.90 -27.43 -0.07
CA LEU A 279 -9.55 -26.14 -0.07
C LEU A 279 -11.04 -26.39 -0.29
N ALA A 280 -11.68 -26.80 0.80
CA ALA A 280 -13.08 -27.13 0.79
C ALA A 280 -13.80 -26.56 2.00
N TYR A 281 -15.06 -26.22 1.79
CA TYR A 281 -15.91 -25.69 2.84
C TYR A 281 -16.82 -26.84 3.24
N ARG A 282 -17.26 -26.88 4.49
CA ARG A 282 -18.15 -27.97 4.89
C ARG A 282 -19.34 -27.58 5.75
N ASP A 283 -20.24 -28.54 5.91
CA ASP A 283 -21.49 -28.37 6.63
C ASP A 283 -22.26 -27.37 5.81
N PRO A 284 -22.33 -27.60 4.53
CA PRO A 284 -23.06 -26.71 3.62
C PRO A 284 -24.36 -26.38 4.34
N GLU A 285 -25.16 -27.43 4.50
CA GLU A 285 -26.43 -27.38 5.20
C GLU A 285 -26.43 -28.75 5.86
N THR A 286 -26.11 -29.73 5.03
CA THR A 286 -26.02 -31.12 5.41
C THR A 286 -24.79 -31.27 6.33
N GLY A 287 -23.68 -31.73 5.75
CA GLY A 287 -22.44 -31.92 6.49
C GLY A 287 -21.27 -32.15 5.55
N LYS A 288 -21.59 -32.39 4.28
CA LYS A 288 -20.58 -32.64 3.24
C LYS A 288 -19.62 -31.48 2.94
N TRP A 289 -18.53 -31.82 2.27
CA TRP A 289 -17.56 -30.83 1.85
C TRP A 289 -17.95 -30.42 0.46
N PHE A 290 -17.75 -29.17 0.12
CA PHE A 290 -18.07 -28.74 -1.22
C PHE A 290 -17.13 -27.60 -1.56
N VAL A 291 -16.63 -27.56 -2.78
CA VAL A 291 -15.74 -26.46 -3.11
C VAL A 291 -16.60 -25.28 -3.48
N PRO A 292 -16.53 -24.18 -2.70
CA PRO A 292 -17.36 -23.03 -3.05
C PRO A 292 -17.09 -22.38 -4.43
N TYR A 293 -18.11 -21.73 -5.01
CA TYR A 293 -17.97 -21.03 -6.29
C TYR A 293 -17.34 -19.68 -6.05
N VAL A 294 -17.09 -18.93 -7.10
CA VAL A 294 -16.47 -17.65 -6.90
C VAL A 294 -16.87 -16.54 -7.88
N ILE A 295 -17.17 -15.36 -7.36
CA ILE A 295 -17.49 -14.20 -8.18
C ILE A 295 -16.26 -13.37 -7.92
N GLU A 296 -15.57 -12.97 -8.97
CA GLU A 296 -14.34 -12.21 -8.79
C GLU A 296 -14.34 -10.83 -9.44
N PRO A 297 -14.41 -9.77 -8.61
CA PRO A 297 -14.39 -8.42 -9.16
C PRO A 297 -12.92 -8.04 -9.19
N SER A 298 -12.32 -8.03 -10.38
CA SER A 298 -10.91 -7.68 -10.52
C SER A 298 -10.83 -6.30 -11.14
N ALA A 299 -10.21 -5.35 -10.43
CA ALA A 299 -10.09 -3.98 -10.90
C ALA A 299 -8.69 -3.43 -10.89
N GLY A 300 -8.24 -2.89 -12.02
CA GLY A 300 -6.91 -2.34 -12.08
C GLY A 300 -6.86 -1.04 -11.30
N VAL A 301 -5.92 -0.89 -10.36
CA VAL A 301 -5.83 0.35 -9.57
C VAL A 301 -5.32 1.46 -10.44
N ASP A 302 -4.39 1.13 -11.35
CA ASP A 302 -3.79 2.09 -12.28
C ASP A 302 -4.78 2.63 -13.29
N ARG A 303 -5.62 1.73 -13.81
CA ARG A 303 -6.65 2.14 -14.78
C ARG A 303 -7.76 2.94 -14.08
N GLY A 304 -8.06 2.63 -12.82
CA GLY A 304 -9.07 3.37 -12.09
C GLY A 304 -8.61 4.81 -11.90
N VAL A 305 -7.32 4.97 -11.65
CA VAL A 305 -6.67 6.26 -11.46
C VAL A 305 -6.87 7.02 -12.76
N LEU A 306 -6.49 6.36 -13.87
CA LEU A 306 -6.57 6.93 -15.22
C LEU A 306 -7.98 7.31 -15.52
N ALA A 307 -8.91 6.47 -15.10
CA ALA A 307 -10.32 6.72 -15.33
C ALA A 307 -10.72 7.99 -14.61
N LEU A 308 -10.42 8.05 -13.32
CA LEU A 308 -10.79 9.21 -12.52
C LEU A 308 -10.17 10.44 -13.13
N LEU A 309 -8.88 10.34 -13.42
CA LEU A 309 -8.15 11.47 -13.95
C LEU A 309 -8.72 11.91 -15.27
N ALA A 310 -8.94 10.96 -16.17
CA ALA A 310 -9.48 11.27 -17.48
C ALA A 310 -10.81 12.00 -17.32
N GLU A 311 -11.71 11.36 -16.59
CA GLU A 311 -13.04 11.86 -16.34
C GLU A 311 -13.07 13.24 -15.70
N ALA A 312 -12.06 13.54 -14.90
CA ALA A 312 -12.03 14.82 -14.19
C ALA A 312 -11.43 15.96 -14.98
N PHE A 313 -10.37 15.65 -15.71
CA PHE A 313 -9.67 16.62 -16.51
C PHE A 313 -10.66 17.43 -17.37
N THR A 314 -10.81 18.72 -17.13
CA THR A 314 -11.73 19.53 -17.93
C THR A 314 -11.11 20.91 -18.18
N ARG A 315 -11.33 21.45 -19.37
CA ARG A 315 -10.79 22.76 -19.72
C ARG A 315 -11.91 23.77 -19.62
N GLU A 316 -11.58 24.97 -19.21
CA GLU A 316 -12.60 25.98 -19.08
C GLU A 316 -12.13 27.28 -19.66
N GLU A 317 -12.92 27.82 -20.59
CA GLU A 317 -12.60 29.10 -21.19
C GLU A 317 -12.95 30.10 -20.08
N LEU A 318 -11.92 30.67 -19.47
CA LEU A 318 -12.10 31.66 -18.42
C LEU A 318 -12.60 32.92 -19.08
N PRO A 319 -13.76 33.43 -18.64
CA PRO A 319 -14.46 34.63 -19.11
C PRO A 319 -13.58 35.81 -19.52
N ASN A 320 -12.33 35.81 -19.07
CA ASN A 320 -11.35 36.86 -19.40
C ASN A 320 -10.61 36.50 -20.69
N GLY A 321 -10.97 35.37 -21.28
CA GLY A 321 -10.29 34.92 -22.47
C GLY A 321 -9.56 33.63 -22.12
N GLU A 322 -8.26 33.71 -21.90
CA GLU A 322 -7.45 32.52 -21.60
C GLU A 322 -8.05 31.44 -20.71
N GLU A 323 -7.86 30.19 -21.17
CA GLU A 323 -8.37 28.98 -20.52
C GLU A 323 -7.55 28.43 -19.33
N ARG A 324 -8.15 27.48 -18.59
CA ARG A 324 -7.53 26.85 -17.43
C ARG A 324 -7.80 25.37 -17.53
N ILE A 325 -6.83 24.53 -17.21
CA ILE A 325 -7.11 23.10 -17.23
C ILE A 325 -7.36 22.77 -15.78
N VAL A 326 -8.62 22.51 -15.42
CA VAL A 326 -9.00 22.18 -14.05
C VAL A 326 -9.15 20.69 -13.93
N LEU A 327 -8.64 20.08 -12.86
CA LEU A 327 -8.86 18.65 -12.66
C LEU A 327 -10.04 18.63 -11.68
N LYS A 328 -11.24 18.46 -12.18
CA LYS A 328 -12.39 18.45 -11.30
C LYS A 328 -12.48 17.08 -10.69
N LEU A 329 -11.51 16.79 -9.83
CA LEU A 329 -11.39 15.52 -9.11
C LEU A 329 -12.36 15.44 -7.94
N LYS A 330 -12.83 14.25 -7.61
CA LYS A 330 -13.74 14.15 -6.47
C LYS A 330 -12.99 14.50 -5.19
N PRO A 331 -13.31 15.61 -4.53
CA PRO A 331 -12.69 16.10 -3.30
C PRO A 331 -12.18 15.03 -2.37
N GLN A 332 -13.04 14.15 -1.92
CA GLN A 332 -12.57 13.17 -1.00
C GLN A 332 -11.37 12.42 -1.51
N LEU A 333 -11.13 12.51 -2.81
CA LEU A 333 -10.02 11.82 -3.48
C LEU A 333 -8.91 12.71 -4.02
N ALA A 334 -9.02 14.04 -3.92
CA ALA A 334 -7.97 14.89 -4.44
C ALA A 334 -6.65 14.52 -3.80
N PRO A 335 -5.52 14.73 -4.48
CA PRO A 335 -4.32 14.34 -3.77
C PRO A 335 -4.11 15.24 -2.57
N ILE A 336 -4.57 16.50 -2.66
CA ILE A 336 -4.47 17.47 -1.55
C ILE A 336 -5.84 18.16 -1.27
N LYS A 337 -6.40 17.93 -0.07
CA LYS A 337 -7.69 18.51 0.26
C LYS A 337 -7.66 20.04 0.29
N VAL A 338 -6.70 20.62 1.02
CA VAL A 338 -6.58 22.09 1.13
C VAL A 338 -5.15 22.59 1.02
N ALA A 339 -4.96 23.73 0.39
CA ALA A 339 -3.64 24.29 0.26
C ALA A 339 -3.70 25.57 1.04
N VAL A 340 -2.69 25.79 1.89
CA VAL A 340 -2.56 27.02 2.67
C VAL A 340 -1.47 27.83 2.00
N ILE A 341 -1.82 29.01 1.47
CA ILE A 341 -0.85 29.83 0.73
C ILE A 341 -0.53 31.18 1.37
N PRO A 342 0.75 31.41 1.66
CA PRO A 342 1.11 32.69 2.28
C PRO A 342 1.08 33.70 1.18
N LEU A 343 0.31 34.75 1.38
CA LEU A 343 0.19 35.79 0.38
C LEU A 343 1.53 36.35 -0.11
N VAL A 344 2.42 36.62 0.83
CA VAL A 344 3.77 37.13 0.54
C VAL A 344 4.74 36.20 1.23
N LYS A 345 5.82 35.84 0.55
CA LYS A 345 6.80 34.92 1.13
C LYS A 345 7.82 35.56 2.08
N ASN A 346 7.98 36.87 2.00
CA ASN A 346 8.96 37.52 2.87
C ASN A 346 8.61 37.46 4.35
N ARG A 347 7.57 38.18 4.75
CA ARG A 347 7.13 38.25 6.13
C ARG A 347 6.89 36.91 6.85
N PRO A 348 7.85 36.52 7.70
CA PRO A 348 7.81 35.28 8.47
C PRO A 348 6.63 35.22 9.45
N GLU A 349 6.14 36.37 9.89
CA GLU A 349 5.02 36.43 10.81
C GLU A 349 3.84 35.82 10.06
N ILE A 350 3.91 35.91 8.74
CA ILE A 350 2.90 35.37 7.84
C ILE A 350 3.08 33.84 7.75
N THR A 351 4.20 33.39 7.20
CA THR A 351 4.45 31.96 7.02
C THR A 351 4.15 31.16 8.26
N GLU A 352 4.57 31.67 9.39
CA GLU A 352 4.32 30.96 10.61
C GLU A 352 2.84 30.68 10.71
N TYR A 353 2.03 31.73 10.57
CA TYR A 353 0.58 31.65 10.65
C TYR A 353 0.10 30.55 9.72
N ALA A 354 0.64 30.57 8.50
CA ALA A 354 0.31 29.61 7.45
C ALA A 354 0.63 28.20 7.91
N LYS A 355 1.90 27.94 8.23
CA LYS A 355 2.33 26.65 8.69
C LYS A 355 1.47 26.21 9.87
N ARG A 356 1.14 27.17 10.73
CA ARG A 356 0.29 26.93 11.89
C ARG A 356 -1.09 26.45 11.46
N LEU A 357 -1.76 27.24 10.63
CA LEU A 357 -3.10 26.94 10.08
C LEU A 357 -3.13 25.55 9.43
N LYS A 358 -2.10 25.30 8.62
CA LYS A 358 -1.92 24.03 7.94
C LYS A 358 -2.18 22.93 8.92
N ALA A 359 -1.41 22.92 9.99
CA ALA A 359 -1.52 21.92 10.99
C ALA A 359 -2.91 21.82 11.57
N ARG A 360 -3.48 22.97 11.92
CA ARG A 360 -4.81 23.06 12.51
C ARG A 360 -5.81 22.27 11.67
N LEU A 361 -5.82 22.57 10.38
CA LEU A 361 -6.70 21.92 9.39
C LEU A 361 -6.37 20.44 9.16
N LEU A 362 -5.08 20.11 9.23
CA LEU A 362 -4.66 18.72 9.06
C LEU A 362 -5.33 17.94 10.17
N ALA A 363 -5.32 18.54 11.36
CA ALA A 363 -5.92 17.93 12.53
C ALA A 363 -7.40 17.61 12.33
N LEU A 364 -8.07 18.28 11.41
CA LEU A 364 -9.49 18.04 11.16
C LEU A 364 -9.64 16.63 10.72
N GLY A 365 -8.56 16.10 10.16
CA GLY A 365 -8.56 14.74 9.73
C GLY A 365 -9.51 14.66 8.57
N LEU A 366 -9.51 15.74 7.80
CA LEU A 366 -10.36 15.79 6.63
C LEU A 366 -9.53 15.41 5.43
N GLY A 367 -8.21 15.33 5.62
CA GLY A 367 -7.36 14.95 4.52
C GLY A 367 -6.09 15.73 4.43
N ARG A 368 -5.16 15.24 3.61
CA ARG A 368 -3.88 15.91 3.43
C ARG A 368 -4.05 17.38 3.10
N VAL A 369 -3.66 18.23 4.05
CA VAL A 369 -3.65 19.67 3.88
C VAL A 369 -2.23 19.89 3.42
N LEU A 370 -1.95 20.96 2.70
CA LEU A 370 -0.60 21.22 2.26
C LEU A 370 -0.21 22.67 2.56
N TYR A 371 1.08 22.92 2.79
CA TYR A 371 1.53 24.30 3.01
C TYR A 371 2.30 24.62 1.76
N GLU A 372 1.83 25.58 0.99
CA GLU A 372 2.44 25.95 -0.26
C GLU A 372 3.10 27.31 -0.21
N ASP A 373 4.42 27.35 -0.26
CA ASP A 373 5.12 28.63 -0.26
C ASP A 373 5.65 28.89 -1.66
N THR A 374 5.15 28.13 -2.62
CA THR A 374 5.58 28.28 -4.00
C THR A 374 5.24 29.70 -4.43
N GLY A 375 6.07 30.24 -5.33
CA GLY A 375 5.91 31.61 -5.83
C GLY A 375 4.56 32.19 -6.22
N ASN A 376 4.62 33.16 -7.15
CA ASN A 376 3.46 33.89 -7.67
C ASN A 376 2.10 33.28 -7.37
N ILE A 377 1.43 33.86 -6.38
CA ILE A 377 0.14 33.40 -5.94
C ILE A 377 -0.78 32.95 -7.07
N GLY A 378 -0.73 33.64 -8.20
CA GLY A 378 -1.57 33.24 -9.33
C GLY A 378 -1.21 31.81 -9.72
N LYS A 379 0.10 31.56 -9.87
CA LYS A 379 0.66 30.26 -10.22
C LYS A 379 0.24 29.19 -9.20
N ALA A 380 0.22 29.58 -7.93
CA ALA A 380 -0.15 28.66 -6.87
C ALA A 380 -1.53 28.16 -7.19
N TYR A 381 -2.47 29.09 -7.22
CA TYR A 381 -3.85 28.75 -7.53
C TYR A 381 -3.88 27.80 -8.70
N ARG A 382 -3.20 28.16 -9.77
CA ARG A 382 -3.20 27.31 -10.94
C ARG A 382 -2.78 25.90 -10.67
N ARG A 383 -1.53 25.71 -10.28
CA ARG A 383 -1.02 24.39 -9.97
C ARG A 383 -2.07 23.56 -9.28
N HIS A 384 -2.74 24.14 -8.30
CA HIS A 384 -3.76 23.40 -7.58
C HIS A 384 -5.03 23.07 -8.34
N ASP A 385 -5.29 23.78 -9.41
CA ASP A 385 -6.46 23.50 -10.20
C ASP A 385 -6.06 22.37 -11.05
N GLU A 386 -4.87 22.50 -11.63
CA GLU A 386 -4.36 21.46 -12.51
C GLU A 386 -4.24 20.14 -11.80
N VAL A 387 -3.95 20.17 -10.48
CA VAL A 387 -3.84 18.95 -9.66
C VAL A 387 -5.15 18.74 -8.88
N GLY A 388 -6.14 19.58 -9.21
CA GLY A 388 -7.47 19.50 -8.62
C GLY A 388 -7.69 19.41 -7.14
N THR A 389 -7.07 20.30 -6.39
CA THR A 389 -7.22 20.33 -4.94
C THR A 389 -8.41 21.26 -4.63
N PRO A 390 -9.51 20.72 -4.09
CA PRO A 390 -10.75 21.42 -3.73
C PRO A 390 -10.77 22.88 -3.20
N PHE A 391 -9.88 23.22 -2.27
CA PHE A 391 -9.85 24.57 -1.71
C PHE A 391 -8.43 25.02 -1.40
N ALA A 392 -8.19 26.30 -1.61
CA ALA A 392 -6.90 26.87 -1.31
C ALA A 392 -7.17 28.04 -0.37
N VAL A 393 -6.93 27.81 0.93
CA VAL A 393 -7.10 28.86 1.92
C VAL A 393 -5.88 29.73 1.81
N THR A 394 -6.06 31.04 1.89
CA THR A 394 -4.92 31.94 1.77
C THR A 394 -4.72 32.99 2.89
N VAL A 395 -3.54 32.93 3.51
CA VAL A 395 -3.14 33.78 4.62
C VAL A 395 -2.39 35.00 4.14
N ASP A 396 -2.64 36.12 4.83
CA ASP A 396 -2.04 37.40 4.50
C ASP A 396 -1.99 38.36 5.69
N TYR A 397 -1.29 39.48 5.50
CA TYR A 397 -1.14 40.53 6.50
C TYR A 397 -2.35 40.74 7.38
N ASP A 398 -3.52 40.81 6.76
CA ASP A 398 -4.74 41.01 7.53
C ASP A 398 -4.98 39.86 8.50
N THR A 399 -4.86 38.64 8.02
CA THR A 399 -5.07 37.48 8.86
C THR A 399 -4.18 37.59 10.07
N ILE A 400 -2.93 37.99 9.83
CA ILE A 400 -1.93 38.13 10.86
C ILE A 400 -2.37 39.09 11.94
N GLY A 401 -2.58 40.32 11.53
CA GLY A 401 -2.99 41.35 12.46
C GLY A 401 -2.44 42.67 12.01
N GLN A 402 -1.33 42.64 11.28
CA GLN A 402 -0.80 43.90 10.83
C GLN A 402 -1.29 44.31 9.47
N SER A 403 -2.43 44.99 9.51
CA SER A 403 -3.13 45.55 8.36
C SER A 403 -2.75 47.03 8.24
N LYS A 404 -3.11 47.66 7.12
CA LYS A 404 -2.79 49.08 6.86
C LYS A 404 -3.37 50.03 7.92
N ASP A 405 -4.69 50.18 7.92
CA ASP A 405 -5.34 51.05 8.88
C ASP A 405 -5.19 50.52 10.30
N GLY A 406 -4.36 49.49 10.48
CA GLY A 406 -4.07 48.94 11.80
C GLY A 406 -5.04 48.10 12.63
N THR A 407 -6.35 48.38 12.54
CA THR A 407 -7.38 47.64 13.29
C THR A 407 -7.17 46.12 13.20
N THR A 408 -7.86 45.41 14.08
CA THR A 408 -7.78 43.96 14.13
C THR A 408 -9.09 43.29 13.68
N ARG A 409 -9.79 43.94 12.74
CA ARG A 409 -11.09 43.43 12.23
C ARG A 409 -10.97 42.09 11.49
N LEU A 410 -10.28 42.09 10.36
CA LEU A 410 -10.13 40.85 9.60
C LEU A 410 -9.06 39.93 10.15
N LYS A 411 -8.27 40.40 11.10
CA LYS A 411 -7.23 39.58 11.68
C LYS A 411 -7.91 38.27 12.03
N ASP A 412 -7.27 37.14 11.67
CA ASP A 412 -7.82 35.79 11.90
C ASP A 412 -8.82 35.37 10.82
N THR A 413 -8.79 36.04 9.68
CA THR A 413 -9.69 35.69 8.60
C THR A 413 -8.85 35.41 7.39
N VAL A 414 -9.22 34.37 6.67
CA VAL A 414 -8.52 33.97 5.46
C VAL A 414 -9.49 33.89 4.28
N THR A 415 -8.94 33.60 3.12
CA THR A 415 -9.74 33.52 1.92
C THR A 415 -9.66 32.13 1.23
N VAL A 416 -10.76 31.38 1.33
CA VAL A 416 -10.88 30.05 0.74
C VAL A 416 -11.42 30.17 -0.69
N ARG A 417 -10.61 29.82 -1.69
CA ARG A 417 -11.03 29.92 -3.08
C ARG A 417 -11.43 28.62 -3.70
N ASP A 418 -12.72 28.44 -3.93
CA ASP A 418 -13.31 27.22 -4.51
C ASP A 418 -12.83 26.77 -5.92
N ARG A 419 -12.24 25.59 -6.01
CA ARG A 419 -11.70 25.06 -7.26
C ARG A 419 -12.61 25.19 -8.47
N ASP A 420 -13.75 24.54 -8.38
CA ASP A 420 -14.70 24.56 -9.48
C ASP A 420 -15.20 25.96 -9.80
N THR A 421 -16.00 26.49 -8.87
CA THR A 421 -16.64 27.80 -9.01
C THR A 421 -15.76 28.99 -9.05
N MET A 422 -14.51 28.83 -8.66
CA MET A 422 -13.54 29.91 -8.61
C MET A 422 -14.00 31.03 -7.66
N GLU A 423 -15.02 30.76 -6.85
CA GLU A 423 -15.50 31.75 -5.93
C GLU A 423 -14.49 31.89 -4.79
N GLN A 424 -14.23 33.13 -4.36
CA GLN A 424 -13.31 33.41 -3.27
C GLN A 424 -14.01 34.10 -2.11
N ILE A 425 -14.35 33.36 -1.06
CA ILE A 425 -14.98 34.02 0.10
C ILE A 425 -14.01 34.21 1.24
N ARG A 426 -14.06 35.36 1.90
CA ARG A 426 -13.18 35.53 3.04
C ARG A 426 -13.94 35.12 4.28
N LEU A 427 -13.40 34.17 5.03
CA LEU A 427 -14.02 33.74 6.28
C LEU A 427 -13.03 33.53 7.44
N HIS A 428 -13.58 33.57 8.64
CA HIS A 428 -12.81 33.43 9.87
C HIS A 428 -12.39 31.99 10.07
N VAL A 429 -11.17 31.82 10.56
CA VAL A 429 -10.58 30.52 10.80
C VAL A 429 -11.51 29.52 11.47
N ASP A 430 -12.10 29.88 12.61
CA ASP A 430 -13.00 28.95 13.31
C ASP A 430 -14.11 28.43 12.40
N GLU A 431 -14.57 29.29 11.51
CA GLU A 431 -15.61 28.96 10.55
C GLU A 431 -15.03 28.04 9.50
N LEU A 432 -13.83 28.33 9.02
CA LEU A 432 -13.15 27.55 7.98
C LEU A 432 -13.06 26.08 8.31
N GLU A 433 -12.92 25.75 9.58
CA GLU A 433 -12.87 24.36 9.97
C GLU A 433 -14.20 23.68 9.58
N GLY A 434 -15.32 24.35 9.88
CA GLY A 434 -16.66 23.82 9.57
C GLY A 434 -16.97 23.71 8.09
N PHE A 435 -16.58 24.73 7.35
CA PHE A 435 -16.74 24.77 5.92
C PHE A 435 -16.19 23.48 5.32
N LEU A 436 -14.91 23.22 5.59
CA LEU A 436 -14.24 22.01 5.12
C LEU A 436 -14.97 20.80 5.65
N ARG A 437 -15.36 20.82 6.92
CA ARG A 437 -16.05 19.68 7.52
C ARG A 437 -17.20 19.26 6.65
N GLU A 438 -17.87 20.24 6.03
CA GLU A 438 -19.01 19.96 5.17
C GLU A 438 -18.65 19.48 3.76
N ARG A 439 -17.67 20.08 3.12
CA ARG A 439 -17.33 19.64 1.78
C ARG A 439 -16.52 18.37 1.70
N LEU A 440 -15.39 18.32 2.39
CA LEU A 440 -14.49 17.17 2.36
C LEU A 440 -14.90 15.85 3.08
N ARG A 441 -15.99 15.87 3.81
CA ARG A 441 -16.46 14.68 4.49
C ARG A 441 -17.15 13.72 3.56
N TRP A 442 -16.75 12.45 3.71
CA TRP A 442 -17.31 11.36 2.93
C TRP A 442 -18.82 11.14 3.23
N ALA B 1 7.28 -8.19 26.68
CA ALA B 1 7.69 -8.82 25.44
C ALA B 1 7.46 -10.33 25.37
N ALA B 2 7.94 -10.95 24.29
CA ALA B 2 7.78 -12.41 24.08
C ALA B 2 9.12 -13.15 24.05
N SER B 3 9.18 -14.18 24.88
CA SER B 3 10.36 -15.03 25.04
C SER B 3 11.03 -15.61 23.78
N SER B 4 10.30 -16.48 23.08
CA SER B 4 10.83 -17.14 21.89
C SER B 4 10.19 -16.76 20.55
N LEU B 5 10.99 -16.66 19.50
CA LEU B 5 10.52 -16.33 18.17
C LEU B 5 9.39 -17.25 17.79
N ASP B 6 9.57 -18.51 18.14
CA ASP B 6 8.60 -19.58 17.88
C ASP B 6 7.20 -19.24 18.36
N GLU B 7 7.11 -18.61 19.54
CA GLU B 7 5.82 -18.21 20.10
C GLU B 7 5.15 -17.31 19.05
N LEU B 8 5.86 -16.21 18.73
CA LEU B 8 5.39 -15.20 17.78
C LEU B 8 5.00 -15.88 16.50
N VAL B 9 5.82 -16.82 16.09
CA VAL B 9 5.53 -17.52 14.87
C VAL B 9 4.25 -18.33 14.99
N ALA B 10 4.01 -18.94 16.14
CA ALA B 10 2.79 -19.72 16.28
C ALA B 10 1.57 -18.83 16.23
N LEU B 11 1.54 -17.83 17.09
CA LEU B 11 0.43 -16.89 17.13
C LEU B 11 0.18 -16.25 15.78
N CYS B 12 1.27 -15.92 15.07
CA CYS B 12 1.16 -15.30 13.75
C CYS B 12 0.40 -16.15 12.77
N LYS B 13 0.44 -17.47 12.94
CA LYS B 13 -0.31 -18.34 12.02
C LYS B 13 -1.61 -18.79 12.68
N ARG B 14 -1.61 -18.84 14.00
CA ARG B 14 -2.78 -19.25 14.75
C ARG B 14 -3.87 -18.19 14.68
N ARG B 15 -3.53 -16.97 14.29
CA ARG B 15 -4.53 -15.92 14.22
C ARG B 15 -4.59 -15.27 12.85
N GLY B 16 -3.83 -15.79 11.92
CA GLY B 16 -3.88 -15.21 10.59
C GLY B 16 -3.16 -13.90 10.41
N PHE B 17 -2.00 -13.75 11.03
CA PHE B 17 -1.16 -12.55 10.91
C PHE B 17 -0.24 -12.87 9.75
N ILE B 18 0.66 -13.83 9.91
CA ILE B 18 1.51 -14.21 8.78
C ILE B 18 1.39 -15.68 8.53
N PHE B 19 1.33 -16.03 7.25
CA PHE B 19 1.22 -17.40 6.79
C PHE B 19 2.46 -17.75 6.00
N GLN B 20 2.80 -19.04 5.98
CA GLN B 20 3.95 -19.48 5.21
C GLN B 20 3.50 -19.39 3.76
N SER B 21 4.10 -18.48 3.01
CA SER B 21 3.70 -18.34 1.63
C SER B 21 3.80 -19.65 0.86
N SER B 22 2.90 -19.84 -0.11
CA SER B 22 2.84 -21.04 -0.96
C SER B 22 2.94 -22.37 -0.21
N GLU B 23 2.40 -22.38 1.00
CA GLU B 23 2.40 -23.54 1.89
C GLU B 23 1.83 -24.86 1.30
N ILE B 24 0.69 -24.81 0.63
CA ILE B 24 0.14 -26.04 0.11
C ILE B 24 1.19 -26.79 -0.70
N TYR B 25 1.88 -26.11 -1.62
CA TYR B 25 2.90 -26.79 -2.43
C TYR B 25 4.31 -26.77 -1.82
N GLY B 26 4.40 -27.00 -0.52
CA GLY B 26 5.69 -26.99 0.15
C GLY B 26 6.03 -25.69 0.83
N GLY B 27 6.47 -24.72 0.04
CA GLY B 27 6.81 -23.43 0.61
C GLY B 27 7.93 -22.80 -0.15
N LEU B 28 7.82 -21.51 -0.42
CA LEU B 28 8.86 -20.78 -1.12
C LEU B 28 9.58 -20.29 0.10
N GLN B 29 10.82 -20.72 0.30
CA GLN B 29 11.53 -20.29 1.49
C GLN B 29 11.85 -18.80 1.43
N GLY B 30 11.79 -18.17 2.61
CA GLY B 30 12.11 -16.76 2.75
C GLY B 30 11.13 -15.82 2.13
N VAL B 31 9.93 -16.32 1.88
CA VAL B 31 8.87 -15.55 1.28
C VAL B 31 7.65 -15.75 2.17
N TYR B 32 7.04 -14.68 2.67
CA TYR B 32 5.86 -14.87 3.53
C TYR B 32 4.58 -14.18 3.07
N ASP B 33 3.45 -14.59 3.65
CA ASP B 33 2.17 -13.98 3.30
C ASP B 33 1.46 -13.37 4.49
N TYR B 34 0.98 -12.15 4.31
CA TYR B 34 0.28 -11.48 5.40
C TYR B 34 -1.23 -11.72 5.33
N GLY B 35 -1.70 -12.54 6.26
CA GLY B 35 -3.12 -12.84 6.37
C GLY B 35 -3.99 -11.71 6.93
N PRO B 36 -5.31 -11.91 7.02
CA PRO B 36 -6.26 -10.93 7.52
C PRO B 36 -5.75 -9.92 8.52
N LEU B 37 -5.33 -10.38 9.68
CA LEU B 37 -4.84 -9.49 10.73
C LEU B 37 -3.50 -8.84 10.36
N GLY B 38 -2.64 -9.63 9.71
CA GLY B 38 -1.32 -9.15 9.32
C GLY B 38 -1.37 -7.97 8.37
N VAL B 39 -2.35 -7.97 7.47
CA VAL B 39 -2.51 -6.84 6.53
C VAL B 39 -2.75 -5.61 7.33
N GLU B 40 -3.81 -5.66 8.11
CA GLU B 40 -4.18 -4.53 8.91
C GLU B 40 -3.00 -4.01 9.66
N LEU B 41 -2.43 -4.81 10.54
CA LEU B 41 -1.28 -4.33 11.31
C LEU B 41 -0.24 -3.69 10.42
N LYS B 42 0.02 -4.30 9.25
CA LYS B 42 1.01 -3.79 8.30
C LYS B 42 0.66 -2.43 7.69
N ASN B 43 -0.59 -2.27 7.23
CA ASN B 43 -1.07 -1.00 6.68
C ASN B 43 -1.05 0.06 7.78
N ASN B 44 -1.64 -0.25 8.92
CA ASN B 44 -1.64 0.67 10.04
C ASN B 44 -0.24 1.24 10.33
N LEU B 45 0.77 0.35 10.29
CA LEU B 45 2.13 0.78 10.54
C LEU B 45 2.53 1.67 9.40
N LYS B 46 2.40 1.15 8.19
CA LYS B 46 2.74 1.91 7.00
C LYS B 46 2.08 3.29 7.01
N GLN B 47 0.80 3.33 7.29
CA GLN B 47 0.07 4.59 7.29
C GLN B 47 0.63 5.54 8.31
N ALA B 48 0.83 5.03 9.53
CA ALA B 48 1.35 5.83 10.63
C ALA B 48 2.71 6.43 10.23
N TRP B 49 3.48 5.66 9.50
CA TRP B 49 4.76 6.14 9.06
C TRP B 49 4.60 7.22 7.97
N TRP B 50 3.58 7.06 7.13
CA TRP B 50 3.30 7.99 6.01
C TRP B 50 2.80 9.32 6.55
N ARG B 51 1.85 9.25 7.47
CA ARG B 51 1.28 10.45 8.08
C ARG B 51 2.43 11.24 8.69
N ARG B 52 3.13 10.59 9.61
CA ARG B 52 4.24 11.17 10.34
C ARG B 52 5.35 11.74 9.46
N ASN B 53 5.73 11.04 8.41
CA ASN B 53 6.83 11.57 7.65
C ASN B 53 6.50 12.37 6.42
N VAL B 54 5.24 12.37 6.03
CA VAL B 54 4.87 13.11 4.82
C VAL B 54 3.80 14.11 5.04
N TYR B 55 2.68 13.67 5.62
CA TYR B 55 1.57 14.56 5.86
C TYR B 55 1.85 15.57 6.92
N GLU B 56 2.54 15.14 7.97
CA GLU B 56 2.86 16.02 9.09
C GLU B 56 4.08 16.87 8.81
N ARG B 57 5.06 16.32 8.12
CA ARG B 57 6.26 17.07 7.80
C ARG B 57 5.86 18.09 6.74
N ASP B 58 6.64 19.16 6.60
CA ASP B 58 6.29 20.13 5.57
C ASP B 58 7.36 20.25 4.54
N ASP B 59 8.25 19.25 4.50
CA ASP B 59 9.38 19.25 3.58
C ASP B 59 9.60 17.96 2.83
N MET B 60 8.60 17.09 2.84
CA MET B 60 8.73 15.80 2.17
C MET B 60 7.79 15.67 1.01
N GLU B 61 8.14 14.84 0.06
CA GLU B 61 7.28 14.63 -1.08
C GLU B 61 7.26 13.13 -1.17
N GLY B 62 6.08 12.55 -1.32
CA GLY B 62 5.94 11.11 -1.43
C GLY B 62 6.26 10.54 -2.80
N LEU B 63 6.34 9.22 -2.88
CA LEU B 63 6.62 8.52 -4.13
C LEU B 63 6.30 7.01 -4.05
N ASP B 64 6.13 6.41 -5.24
CA ASP B 64 5.85 4.99 -5.37
C ASP B 64 6.41 4.55 -6.73
N ALA B 65 7.69 4.18 -6.71
CA ALA B 65 8.37 3.73 -7.90
C ALA B 65 8.05 2.29 -8.11
N SER B 66 8.51 1.73 -9.23
CA SER B 66 8.27 0.34 -9.58
C SER B 66 9.29 -0.68 -9.05
N VAL B 67 8.91 -1.95 -9.11
CA VAL B 67 9.76 -3.05 -8.67
C VAL B 67 10.80 -3.33 -9.75
N LEU B 68 10.37 -3.33 -11.00
CA LEU B 68 11.28 -3.60 -12.09
C LEU B 68 12.19 -2.42 -12.35
N THR B 69 13.48 -2.73 -12.42
CA THR B 69 14.51 -1.74 -12.61
C THR B 69 15.40 -2.08 -13.84
N HIS B 70 15.64 -1.07 -14.67
CA HIS B 70 16.47 -1.19 -15.86
C HIS B 70 17.85 -1.53 -15.41
N ARG B 71 18.39 -2.65 -15.89
CA ARG B 71 19.74 -3.13 -15.56
C ARG B 71 20.78 -2.04 -15.22
N LEU B 72 20.90 -1.01 -16.05
CA LEU B 72 21.85 0.07 -15.82
C LEU B 72 21.77 0.63 -14.40
N VAL B 73 20.59 1.07 -13.99
CA VAL B 73 20.41 1.67 -12.69
C VAL B 73 21.18 0.93 -11.65
N LEU B 74 20.84 -0.33 -11.42
CA LEU B 74 21.54 -1.13 -10.40
C LEU B 74 23.04 -1.38 -10.68
N HIS B 75 23.45 -1.10 -11.90
CA HIS B 75 24.85 -1.23 -12.29
C HIS B 75 25.50 -0.01 -11.68
N TYR B 76 24.97 1.16 -12.03
CA TYR B 76 25.47 2.43 -11.53
C TYR B 76 25.26 2.59 -10.05
N SER B 77 24.32 1.81 -9.51
CA SER B 77 23.99 1.83 -8.10
C SER B 77 25.13 1.17 -7.35
N GLY B 78 25.89 0.36 -8.08
CA GLY B 78 27.00 -0.35 -7.48
C GLY B 78 26.59 -1.70 -6.95
N HIS B 79 25.32 -2.02 -7.10
CA HIS B 79 24.82 -3.31 -6.63
C HIS B 79 25.35 -4.43 -7.50
N GLU B 80 25.21 -4.22 -8.80
CA GLU B 80 25.62 -5.19 -9.79
C GLU B 80 27.03 -5.71 -9.60
N ALA B 81 27.96 -4.78 -9.36
CA ALA B 81 29.36 -5.13 -9.20
C ALA B 81 29.73 -6.12 -8.08
N THR B 82 29.09 -5.99 -6.93
CA THR B 82 29.37 -6.88 -5.80
C THR B 82 29.19 -8.36 -6.14
N PHE B 83 28.52 -8.63 -7.24
CA PHE B 83 28.26 -10.00 -7.61
C PHE B 83 28.84 -10.39 -8.97
N ALA B 84 29.97 -9.76 -9.30
CA ALA B 84 30.72 -10.04 -10.51
C ALA B 84 31.96 -10.78 -9.97
N ASP B 85 31.69 -11.58 -8.93
CA ASP B 85 32.67 -12.38 -8.20
C ASP B 85 32.51 -13.86 -8.48
N PRO B 86 33.28 -14.38 -9.42
CA PRO B 86 33.11 -15.81 -9.68
C PRO B 86 33.48 -16.52 -8.40
N MET B 87 32.74 -17.56 -8.05
CA MET B 87 33.02 -18.29 -6.81
C MET B 87 33.12 -19.81 -6.96
N VAL B 88 34.36 -20.31 -7.02
CA VAL B 88 34.62 -21.74 -7.11
C VAL B 88 34.81 -22.17 -5.67
N ASP B 89 33.72 -22.23 -4.93
CA ASP B 89 33.78 -22.65 -3.55
C ASP B 89 34.51 -23.97 -3.50
N ASN B 90 35.40 -24.14 -2.56
CA ASN B 90 36.09 -25.40 -2.50
C ASN B 90 35.39 -26.34 -1.53
N ALA B 91 35.68 -27.64 -1.61
CA ALA B 91 35.10 -28.61 -0.67
C ALA B 91 35.81 -28.43 0.67
N LYS B 92 35.17 -27.66 1.57
CA LYS B 92 35.65 -27.30 2.93
C LYS B 92 36.28 -25.91 3.03
N ALA B 93 35.81 -24.98 2.20
CA ALA B 93 36.33 -23.61 2.18
C ALA B 93 35.42 -22.75 1.30
N ARG B 94 35.97 -21.65 0.79
CA ARG B 94 35.28 -20.73 -0.11
C ARG B 94 36.39 -20.35 -1.07
N TYR B 95 36.32 -19.14 -1.63
CA TYR B 95 37.31 -18.58 -2.56
C TYR B 95 36.59 -17.97 -3.74
N TRP B 96 35.76 -29.05 -5.16
CA TRP B 96 35.27 -27.88 -5.91
C TRP B 96 33.85 -27.96 -6.51
N THR B 97 33.12 -26.87 -6.35
CA THR B 97 31.76 -26.69 -6.82
C THR B 97 31.77 -25.73 -8.02
N PRO B 98 30.72 -25.76 -8.85
CA PRO B 98 30.88 -24.79 -9.93
C PRO B 98 31.03 -23.38 -9.42
N PRO B 99 31.94 -22.64 -10.05
CA PRO B 99 32.29 -21.26 -9.79
C PRO B 99 31.13 -20.38 -10.19
N ARG B 100 30.23 -20.14 -9.24
CA ARG B 100 29.06 -19.32 -9.49
C ARG B 100 29.10 -18.03 -8.74
N TYR B 101 28.64 -16.95 -9.37
CA TYR B 101 28.59 -15.69 -8.64
C TYR B 101 27.43 -15.94 -7.69
N PHE B 102 27.17 -15.01 -6.80
CA PHE B 102 26.06 -15.21 -5.90
C PHE B 102 25.05 -14.05 -5.89
N ASN B 103 25.02 -13.30 -6.99
CA ASN B 103 24.12 -12.15 -7.20
C ASN B 103 22.89 -12.18 -6.29
N MET B 104 22.92 -11.36 -5.26
CA MET B 104 21.79 -11.35 -4.36
C MET B 104 20.54 -10.79 -5.00
N MET B 105 20.68 -10.07 -6.13
CA MET B 105 19.50 -9.56 -6.82
C MET B 105 18.81 -10.57 -7.72
N PHE B 106 17.50 -10.42 -7.85
CA PHE B 106 16.72 -11.27 -8.69
C PHE B 106 16.81 -10.68 -10.06
N GLN B 107 16.78 -11.55 -11.05
CA GLN B 107 16.86 -11.12 -12.43
C GLN B 107 15.66 -11.67 -13.18
N ASP B 108 15.41 -11.10 -14.35
CA ASP B 108 14.32 -11.51 -15.21
C ASP B 108 14.45 -10.71 -16.48
N LEU B 109 14.06 -11.30 -17.60
CA LEU B 109 14.20 -10.59 -18.86
C LEU B 109 12.88 -10.20 -19.48
N ARG B 110 12.94 -9.26 -20.45
CA ARG B 110 11.80 -8.72 -21.22
C ARG B 110 11.28 -9.59 -22.38
N GLY B 111 10.26 -10.41 -22.10
CA GLY B 111 9.68 -11.30 -23.11
C GLY B 111 10.57 -11.81 -24.22
N PRO B 112 10.06 -11.80 -25.48
CA PRO B 112 10.80 -12.25 -26.64
C PRO B 112 11.82 -13.33 -26.29
N ARG B 113 13.07 -12.90 -26.15
CA ARG B 113 14.10 -13.86 -25.81
C ARG B 113 14.64 -13.69 -24.39
N GLY B 114 15.94 -13.49 -24.24
CA GLY B 114 16.51 -13.32 -22.92
C GLY B 114 17.81 -12.61 -23.14
N GLY B 115 17.79 -11.65 -24.09
CA GLY B 115 18.97 -10.89 -24.40
C GLY B 115 19.46 -10.10 -23.21
N ARG B 116 20.78 -10.04 -23.02
CA ARG B 116 21.38 -9.32 -21.91
C ARG B 116 20.94 -7.87 -21.93
N GLY B 117 20.43 -7.44 -23.08
CA GLY B 117 19.96 -6.08 -23.21
C GLY B 117 18.60 -5.90 -22.56
N LEU B 118 17.78 -6.94 -22.63
CA LEU B 118 16.47 -6.86 -22.03
C LEU B 118 16.38 -7.54 -20.66
N LEU B 119 17.49 -7.44 -19.96
CA LEU B 119 17.61 -7.96 -18.62
C LEU B 119 17.01 -6.90 -17.71
N ALA B 120 16.25 -7.33 -16.71
CA ALA B 120 15.65 -6.38 -15.76
C ALA B 120 15.88 -6.95 -14.36
N TYR B 121 15.90 -6.08 -13.35
CA TYR B 121 16.12 -6.59 -12.00
C TYR B 121 14.94 -6.27 -11.13
N LEU B 122 14.82 -7.00 -10.04
CA LEU B 122 13.77 -6.71 -9.08
C LEU B 122 14.58 -5.83 -8.09
N ARG B 123 14.11 -4.60 -7.83
CA ARG B 123 14.80 -3.69 -6.94
C ARG B 123 15.17 -4.27 -5.59
N PRO B 124 16.48 -4.34 -5.32
CA PRO B 124 16.94 -4.88 -4.06
C PRO B 124 16.45 -3.96 -2.96
N GLU B 125 16.37 -2.67 -3.30
CA GLU B 125 15.93 -1.63 -2.36
C GLU B 125 15.06 -0.60 -3.08
N THR B 126 14.24 0.10 -2.31
CA THR B 126 13.33 1.09 -2.85
C THR B 126 14.11 2.34 -3.19
N ALA B 127 15.12 2.61 -2.38
CA ALA B 127 15.96 3.80 -2.52
C ALA B 127 16.30 4.26 -3.94
N GLN B 128 16.63 3.31 -4.81
CA GLN B 128 17.03 3.63 -6.17
C GLN B 128 16.00 4.44 -6.94
N GLY B 129 14.76 4.00 -6.92
CA GLY B 129 13.74 4.73 -7.62
C GLY B 129 13.65 6.18 -7.19
N ILE B 130 14.00 6.49 -5.95
CA ILE B 130 13.91 7.87 -5.52
C ILE B 130 14.98 8.66 -6.22
N PHE B 131 16.24 8.23 -6.05
CA PHE B 131 17.41 8.90 -6.64
C PHE B 131 17.25 9.24 -8.12
N VAL B 132 16.92 8.22 -8.91
CA VAL B 132 16.73 8.33 -10.35
C VAL B 132 15.61 9.27 -10.73
N ASN B 133 14.72 9.55 -9.78
CA ASN B 133 13.57 10.42 -10.02
C ASN B 133 13.78 11.83 -9.50
N PHE B 134 14.86 12.03 -8.74
CA PHE B 134 15.16 13.34 -8.13
C PHE B 134 14.72 14.51 -9.02
N LYS B 135 15.38 14.68 -10.16
CA LYS B 135 15.07 15.76 -11.06
C LYS B 135 13.60 15.86 -11.37
N ASN B 136 13.00 14.74 -11.68
CA ASN B 136 11.62 14.79 -12.03
C ASN B 136 10.70 15.17 -10.92
N VAL B 137 11.03 14.81 -9.69
CA VAL B 137 10.19 15.18 -8.59
C VAL B 137 10.44 16.67 -8.34
N LEU B 138 11.71 17.05 -8.38
CA LEU B 138 12.11 18.44 -8.17
C LEU B 138 11.42 19.29 -9.20
N ASP B 139 11.49 18.91 -10.47
CA ASP B 139 10.84 19.69 -11.50
C ASP B 139 9.37 19.93 -11.20
N ALA B 140 8.66 18.82 -11.02
CA ALA B 140 7.23 18.84 -10.77
C ALA B 140 6.78 19.64 -9.55
N THR B 141 7.64 19.70 -8.54
CA THR B 141 7.32 20.41 -7.30
C THR B 141 8.03 21.72 -7.06
N SER B 142 9.15 21.90 -7.75
CA SER B 142 9.94 23.12 -7.63
C SER B 142 10.45 23.25 -6.17
N ARG B 143 10.83 22.11 -5.61
CA ARG B 143 11.32 22.05 -4.26
C ARG B 143 12.61 22.83 -4.03
N LYS B 144 12.73 23.31 -2.80
CA LYS B 144 13.91 24.03 -2.34
C LYS B 144 14.63 23.00 -1.47
N LEU B 145 15.95 23.13 -1.34
CA LEU B 145 16.75 22.14 -0.62
C LEU B 145 16.46 21.44 0.70
N GLY B 146 16.30 22.12 1.85
CA GLY B 146 15.98 21.28 3.00
C GLY B 146 14.69 20.52 2.62
N PHE B 147 14.78 19.33 2.00
CA PHE B 147 13.59 18.55 1.58
C PHE B 147 13.89 17.08 1.29
N GLY B 148 12.96 16.19 1.63
CA GLY B 148 13.16 14.77 1.42
C GLY B 148 12.06 14.20 0.54
N ILE B 149 12.15 12.92 0.18
CA ILE B 149 11.13 12.24 -0.65
C ILE B 149 10.93 10.85 -0.06
N ALA B 150 9.96 10.69 0.82
CA ALA B 150 9.70 9.36 1.39
C ALA B 150 9.05 8.45 0.38
N GLN B 151 9.10 7.14 0.65
CA GLN B 151 8.50 6.15 -0.24
C GLN B 151 8.46 4.79 0.40
N ILE B 152 7.31 4.19 0.54
CA ILE B 152 7.23 2.85 1.10
C ILE B 152 7.12 1.97 -0.15
N GLY B 153 7.77 0.82 -0.20
CA GLY B 153 7.68 -0.03 -1.40
C GLY B 153 8.30 -1.41 -1.27
N LYS B 154 8.00 -2.31 -2.21
CA LYS B 154 8.54 -3.67 -2.18
C LYS B 154 10.02 -3.68 -2.44
N ALA B 155 10.72 -4.69 -1.94
CA ALA B 155 12.15 -4.83 -2.13
C ALA B 155 12.44 -6.31 -2.05
N PHE B 156 13.02 -6.85 -3.12
CA PHE B 156 13.36 -8.28 -3.20
C PHE B 156 14.86 -8.46 -3.02
N ARG B 157 15.23 -9.48 -2.26
CA ARG B 157 16.63 -9.74 -1.97
C ARG B 157 16.77 -11.24 -1.76
N ASN B 158 17.50 -11.84 -2.70
CA ASN B 158 17.77 -13.28 -2.82
C ASN B 158 18.63 -14.01 -1.75
N GLU B 159 18.36 -13.75 -0.46
CA GLU B 159 19.09 -14.35 0.67
C GLU B 159 19.44 -15.80 0.48
N ILE B 160 20.72 -16.12 0.54
CA ILE B 160 21.11 -17.49 0.32
C ILE B 160 20.64 -18.28 1.52
N THR B 161 20.43 -17.52 2.60
CA THR B 161 19.98 -18.09 3.85
C THR B 161 18.89 -17.26 4.53
N PRO B 162 17.61 -17.51 4.17
CA PRO B 162 16.67 -16.66 4.91
C PRO B 162 16.68 -17.24 6.34
N ARG B 163 16.90 -16.40 7.35
CA ARG B 163 16.97 -16.91 8.71
C ARG B 163 15.89 -16.40 9.67
N ASN B 164 15.17 -17.36 10.27
CA ASN B 164 14.06 -17.21 11.25
C ASN B 164 12.96 -16.11 11.24
N PHE B 165 11.79 -16.57 10.81
CA PHE B 165 10.57 -15.77 10.65
C PHE B 165 10.67 -14.63 9.66
N ILE B 166 9.63 -13.82 9.61
CA ILE B 166 9.56 -12.69 8.70
C ILE B 166 10.72 -11.76 9.05
N PHE B 167 11.94 -12.20 8.76
CA PHE B 167 13.13 -11.43 9.10
C PHE B 167 14.10 -11.07 7.97
N ARG B 168 15.20 -11.79 7.83
CA ARG B 168 16.13 -11.50 6.75
C ARG B 168 15.63 -12.37 5.61
N VAL B 169 14.61 -11.91 4.90
CA VAL B 169 13.97 -12.67 3.81
C VAL B 169 14.21 -12.23 2.39
N ARG B 170 13.64 -12.99 1.46
CA ARG B 170 13.80 -12.70 0.04
C ARG B 170 12.80 -11.75 -0.55
N GLU B 171 11.64 -11.63 0.05
CA GLU B 171 10.60 -10.74 -0.44
C GLU B 171 10.16 -9.88 0.72
N PHE B 172 10.38 -8.57 0.65
CA PHE B 172 9.99 -7.67 1.75
C PHE B 172 9.76 -6.28 1.23
N GLU B 173 9.27 -5.42 2.11
CA GLU B 173 9.05 -4.03 1.74
C GLU B 173 9.60 -3.15 2.81
N GLN B 174 9.93 -1.93 2.43
CA GLN B 174 10.51 -1.04 3.39
C GLN B 174 10.23 0.44 3.10
N MET B 175 9.89 1.17 4.13
CA MET B 175 9.62 2.57 4.01
C MET B 175 10.95 3.30 4.10
N GLU B 176 11.37 3.90 2.99
CA GLU B 176 12.62 4.65 2.89
C GLU B 176 12.39 6.15 2.68
N ILE B 177 13.30 6.95 3.22
CA ILE B 177 13.27 8.42 3.08
C ILE B 177 14.64 8.78 2.54
N GLU B 178 14.67 9.72 1.61
CA GLU B 178 15.93 10.16 1.08
C GLU B 178 15.96 11.66 1.24
N TYR B 179 16.41 12.11 2.42
CA TYR B 179 16.48 13.54 2.73
C TYR B 179 17.65 14.20 2.05
N PHE B 180 17.34 15.00 1.03
CA PHE B 180 18.33 15.73 0.23
C PHE B 180 18.76 17.01 0.96
N VAL B 181 19.98 17.02 1.51
CA VAL B 181 20.49 18.17 2.26
C VAL B 181 21.70 18.81 1.64
N ARG B 182 21.85 20.13 1.81
CA ARG B 182 23.00 20.85 1.27
C ARG B 182 24.27 20.30 1.93
N PRO B 183 25.30 20.00 1.15
CA PRO B 183 26.57 19.46 1.59
C PRO B 183 27.00 19.63 3.04
N GLY B 184 27.16 20.85 3.49
CA GLY B 184 27.62 21.01 4.86
C GLY B 184 26.73 20.43 5.96
N GLU B 185 25.44 20.59 5.82
CA GLU B 185 24.51 20.18 6.85
C GLU B 185 24.25 18.72 7.08
N ASP B 186 24.97 17.84 6.38
CA ASP B 186 24.73 16.42 6.58
C ASP B 186 24.90 15.97 8.05
N GLU B 187 26.05 16.30 8.66
CA GLU B 187 26.38 15.91 10.04
C GLU B 187 25.22 16.15 11.01
N TYR B 188 24.47 17.19 10.74
CA TYR B 188 23.35 17.56 11.59
C TYR B 188 22.14 16.70 11.40
N TRP B 189 21.63 16.79 10.19
CA TRP B 189 20.45 16.05 9.77
C TRP B 189 20.55 14.59 10.11
N HIS B 190 21.75 14.03 9.94
CA HIS B 190 21.97 12.66 10.24
C HIS B 190 21.68 12.41 11.70
N ARG B 191 22.05 13.37 12.54
CA ARG B 191 21.79 13.21 13.97
C ARG B 191 20.31 13.47 14.17
N TYR B 192 19.81 14.48 13.47
CA TYR B 192 18.42 14.83 13.56
C TYR B 192 17.54 13.62 13.39
N TRP B 193 17.71 13.00 12.24
CA TRP B 193 16.93 11.84 11.88
C TRP B 193 17.06 10.65 12.82
N VAL B 194 18.28 10.22 13.11
CA VAL B 194 18.48 9.10 14.02
C VAL B 194 17.67 9.36 15.28
N GLU B 195 17.76 10.60 15.77
CA GLU B 195 17.04 11.07 16.98
C GLU B 195 15.53 10.90 16.79
N GLU B 196 15.02 11.52 15.70
CA GLU B 196 13.60 11.46 15.36
C GLU B 196 13.06 10.05 15.12
N ARG B 197 13.72 9.30 14.23
CA ARG B 197 13.32 7.93 13.92
C ARG B 197 13.26 7.13 15.22
N LEU B 198 14.18 7.38 16.14
CA LEU B 198 14.15 6.68 17.40
C LEU B 198 12.94 7.16 18.17
N LYS B 199 12.72 8.48 18.12
CA LYS B 199 11.59 9.10 18.79
C LYS B 199 10.31 8.42 18.32
N TRP B 200 10.18 8.26 17.01
CA TRP B 200 9.03 7.63 16.41
C TRP B 200 8.75 6.23 16.96
N TRP B 201 9.68 5.29 16.72
CA TRP B 201 9.50 3.87 17.12
C TRP B 201 8.98 3.69 18.55
N GLN B 202 9.36 4.58 19.44
CA GLN B 202 8.87 4.45 20.81
C GLN B 202 7.40 4.78 20.87
N GLU B 203 7.03 5.81 20.15
CA GLU B 203 5.65 6.25 20.07
C GLU B 203 4.80 5.12 19.44
N MET B 204 5.42 4.25 18.64
CA MET B 204 4.70 3.17 18.00
C MET B 204 4.47 2.00 18.92
N GLY B 205 5.19 1.99 20.03
CA GLY B 205 5.05 0.93 21.02
C GLY B 205 6.35 0.31 21.49
N LEU B 206 7.39 0.42 20.68
CA LEU B 206 8.69 -0.12 21.05
C LEU B 206 9.29 0.65 22.22
N SER B 207 9.52 -0.07 23.32
CA SER B 207 10.09 0.51 24.54
C SER B 207 11.53 0.96 24.36
N ARG B 208 11.83 2.16 24.87
CA ARG B 208 13.17 2.72 24.74
C ARG B 208 14.20 1.72 25.18
N GLU B 209 13.85 0.99 26.23
CA GLU B 209 14.73 -0.02 26.81
C GLU B 209 15.20 -1.03 25.78
N ASN B 210 14.32 -1.36 24.84
CA ASN B 210 14.66 -2.35 23.85
C ASN B 210 15.30 -1.84 22.60
N LEU B 211 15.40 -0.53 22.48
CA LEU B 211 16.00 0.05 21.29
C LEU B 211 17.42 0.49 21.55
N VAL B 212 18.31 0.11 20.64
CA VAL B 212 19.70 0.50 20.79
C VAL B 212 20.20 1.25 19.57
N PRO B 213 21.01 2.27 19.78
CA PRO B 213 21.45 2.95 18.56
C PRO B 213 22.89 2.64 18.22
N TYR B 214 23.16 1.42 17.79
CA TYR B 214 24.50 1.04 17.41
C TYR B 214 25.03 1.94 16.32
N GLN B 215 26.28 2.32 16.44
CA GLN B 215 26.90 3.19 15.44
C GLN B 215 27.92 2.36 14.71
N GLN B 216 27.59 1.87 13.52
CA GLN B 216 28.57 1.06 12.82
C GLN B 216 29.88 1.84 12.53
N PRO B 217 31.04 1.26 12.90
CA PRO B 217 32.41 1.79 12.76
C PRO B 217 32.97 1.41 11.42
N PRO B 218 33.69 2.32 10.73
CA PRO B 218 34.35 2.24 9.43
C PRO B 218 34.40 0.86 8.78
N GLU B 219 34.94 -0.08 9.54
CA GLU B 219 35.08 -1.46 9.09
C GLU B 219 33.71 -2.01 8.64
N SER B 220 32.64 -1.43 9.17
CA SER B 220 31.31 -1.85 8.81
C SER B 220 30.64 -0.85 7.86
N SER B 221 31.00 0.43 8.02
CA SER B 221 30.44 1.53 7.22
C SER B 221 30.56 1.31 5.71
N ALA B 222 29.57 0.56 5.21
CA ALA B 222 29.48 0.20 3.81
C ALA B 222 29.63 1.39 2.93
N HIS B 223 30.56 1.23 1.99
CA HIS B 223 30.92 2.22 0.96
C HIS B 223 30.22 3.59 0.89
N TYR B 224 29.03 3.60 0.27
CA TYR B 224 28.18 4.79 0.04
C TYR B 224 27.88 5.60 1.27
N ALA B 225 27.88 4.94 2.42
CA ALA B 225 27.62 5.61 3.69
C ALA B 225 28.92 6.10 4.34
N LYS B 226 28.95 7.40 4.62
CA LYS B 226 30.12 7.99 5.27
C LYS B 226 30.04 7.52 6.75
N ALA B 227 28.86 7.71 7.34
CA ALA B 227 28.57 7.31 8.73
C ALA B 227 27.19 6.71 8.70
N THR B 228 26.84 5.92 9.70
CA THR B 228 25.52 5.32 9.69
C THR B 228 25.15 4.64 10.97
N VAL B 229 24.02 5.04 11.55
CA VAL B 229 23.55 4.45 12.79
C VAL B 229 22.41 3.48 12.58
N ASP B 230 22.53 2.30 13.14
CA ASP B 230 21.48 1.33 13.02
C ASP B 230 20.65 1.34 14.32
N ILE B 231 19.33 1.25 14.22
CA ILE B 231 18.51 1.23 15.44
C ILE B 231 18.15 -0.23 15.69
N LEU B 232 18.92 -0.87 16.57
CA LEU B 232 18.71 -2.28 16.90
C LEU B 232 17.59 -2.48 17.88
N TYR B 233 16.94 -3.61 17.74
CA TYR B 233 15.86 -3.94 18.61
C TYR B 233 16.12 -5.30 19.20
N ARG B 234 15.91 -5.44 20.49
CA ARG B 234 16.08 -6.70 21.13
C ARG B 234 14.91 -7.63 20.72
N PHE B 235 15.05 -8.30 19.57
CA PHE B 235 14.04 -9.24 19.10
C PHE B 235 14.21 -10.45 19.98
N PRO B 236 13.22 -11.37 20.00
CA PRO B 236 13.37 -12.56 20.86
C PRO B 236 14.51 -13.46 20.41
N HIS B 237 14.97 -13.27 19.18
CA HIS B 237 16.07 -14.06 18.65
C HIS B 237 17.43 -13.31 18.81
N GLY B 238 17.39 -12.14 19.44
CA GLY B 238 18.61 -11.38 19.63
C GLY B 238 18.58 -9.95 19.13
N SER B 239 19.33 -9.07 19.80
CA SER B 239 19.40 -7.65 19.46
C SER B 239 19.85 -7.39 18.03
N LEU B 240 18.89 -7.18 17.11
CA LEU B 240 19.23 -6.89 15.71
C LEU B 240 18.69 -5.59 15.07
N GLU B 241 19.16 -5.31 13.84
CA GLU B 241 18.80 -4.10 13.08
C GLU B 241 17.31 -3.99 12.81
N LEU B 242 16.77 -2.78 13.05
CA LEU B 242 15.35 -2.47 12.84
C LEU B 242 15.26 -1.44 11.70
N GLU B 243 16.00 -0.37 11.85
CA GLU B 243 16.02 0.67 10.83
C GLU B 243 17.51 1.01 10.76
N GLY B 244 17.93 1.72 9.72
CA GLY B 244 19.34 2.04 9.61
C GLY B 244 19.47 3.42 9.01
N ILE B 245 19.62 4.41 9.89
CA ILE B 245 19.75 5.81 9.46
C ILE B 245 21.16 6.03 8.95
N ALA B 246 21.33 5.94 7.64
CA ALA B 246 22.65 6.13 7.03
C ALA B 246 22.83 7.58 6.67
N GLN B 247 24.04 7.89 6.21
CA GLN B 247 24.36 9.23 5.79
C GLN B 247 25.20 9.15 4.55
N ARG B 248 24.60 8.56 3.51
CA ARG B 248 25.24 8.45 2.20
C ARG B 248 25.63 9.88 1.94
N THR B 249 26.62 10.15 1.11
CA THR B 249 26.92 11.55 0.99
C THR B 249 26.38 12.22 -0.20
N ASP B 250 26.91 11.92 -1.37
CA ASP B 250 26.42 12.53 -2.58
C ASP B 250 26.75 11.53 -3.65
N PHE B 251 26.98 10.34 -3.16
CA PHE B 251 27.36 9.19 -3.91
C PHE B 251 26.22 8.66 -4.82
N ASP B 252 24.99 8.75 -4.33
CA ASP B 252 23.83 8.31 -5.09
C ASP B 252 23.56 9.20 -6.28
N LEU B 253 23.10 10.43 -6.03
CA LEU B 253 22.81 11.30 -7.14
C LEU B 253 24.01 11.38 -8.07
N GLY B 254 25.20 11.31 -7.46
CA GLY B 254 26.44 11.38 -8.21
C GLY B 254 26.56 10.24 -9.19
N SER B 255 26.61 9.04 -8.65
CA SER B 255 26.71 7.84 -9.45
C SER B 255 25.63 7.77 -10.53
N HIS B 256 24.61 8.62 -10.39
CA HIS B 256 23.49 8.63 -11.33
C HIS B 256 23.27 9.91 -12.12
N THR B 257 24.13 10.91 -11.98
CA THR B 257 23.89 12.15 -12.71
C THR B 257 24.67 12.40 -13.99
N LYS B 258 24.16 13.30 -14.82
CA LYS B 258 24.85 13.66 -16.05
C LYS B 258 25.86 14.79 -15.73
N ASP B 259 26.97 14.83 -16.46
CA ASP B 259 28.00 15.85 -16.25
C ASP B 259 28.47 15.77 -14.79
N GLN B 260 28.53 14.56 -14.23
CA GLN B 260 28.96 14.40 -12.86
C GLN B 260 30.28 15.09 -12.74
N GLU B 261 31.12 14.96 -13.78
CA GLU B 261 32.43 15.61 -13.81
C GLU B 261 32.28 17.12 -13.59
N ALA B 262 31.34 17.74 -14.31
CA ALA B 262 31.11 19.17 -14.14
C ALA B 262 30.60 19.38 -12.72
N LEU B 263 29.93 18.36 -12.20
CA LEU B 263 29.40 18.42 -10.85
C LEU B 263 30.47 18.06 -9.82
N GLY B 264 30.51 18.82 -8.73
CA GLY B 264 31.52 18.59 -7.70
C GLY B 264 31.33 17.41 -6.78
N ILE B 265 31.01 16.23 -7.32
CA ILE B 265 30.82 15.08 -6.47
C ILE B 265 32.10 14.84 -5.68
N THR B 266 31.95 14.41 -4.43
CA THR B 266 33.11 14.19 -3.60
C THR B 266 33.31 12.74 -3.21
N ALA B 267 32.35 11.90 -3.57
CA ALA B 267 32.44 10.48 -3.24
C ALA B 267 32.97 9.70 -4.41
N ARG B 268 33.39 8.47 -4.15
CA ARG B 268 33.93 7.64 -5.20
C ARG B 268 32.87 7.07 -6.10
N VAL B 269 32.38 7.92 -7.00
CA VAL B 269 31.34 7.57 -7.99
C VAL B 269 31.94 7.11 -9.31
N LEU B 270 31.40 6.04 -9.89
CA LEU B 270 31.90 5.50 -11.16
C LEU B 270 31.42 6.33 -12.34
N ARG B 271 32.28 6.51 -13.34
CA ARG B 271 31.94 7.33 -14.51
C ARG B 271 30.63 6.83 -15.07
N ASN B 272 29.60 7.65 -14.89
CA ASN B 272 28.26 7.32 -15.37
C ASN B 272 28.03 7.88 -16.77
N GLU B 273 28.57 7.16 -17.75
CA GLU B 273 28.46 7.50 -19.15
C GLU B 273 27.11 6.98 -19.68
N HIS B 274 26.00 7.51 -19.18
CA HIS B 274 24.70 7.02 -19.64
C HIS B 274 23.46 7.85 -19.38
N SER B 275 23.25 8.26 -18.14
CA SER B 275 22.06 9.02 -17.77
C SER B 275 21.74 10.22 -18.64
N THR B 276 20.45 10.51 -18.77
CA THR B 276 20.00 11.63 -19.55
C THR B 276 20.34 12.86 -18.74
N GLN B 277 19.30 13.52 -18.25
CA GLN B 277 19.44 14.74 -17.48
C GLN B 277 20.30 14.73 -16.21
N ARG B 278 20.63 15.94 -15.76
CA ARG B 278 21.46 16.19 -14.60
C ARG B 278 20.72 16.09 -13.28
N LEU B 279 21.00 15.02 -12.56
CA LEU B 279 20.41 14.74 -11.27
C LEU B 279 20.92 15.66 -10.16
N ALA B 280 21.12 16.94 -10.47
CA ALA B 280 21.62 17.94 -9.51
C ALA B 280 20.71 19.14 -9.22
N TYR B 281 20.85 19.71 -8.01
CA TYR B 281 20.09 20.88 -7.55
C TYR B 281 20.88 22.11 -7.98
N ARG B 282 20.34 23.30 -7.79
CA ARG B 282 21.09 24.46 -8.23
C ARG B 282 21.20 25.80 -7.48
N ASP B 283 20.15 26.32 -6.87
CA ASP B 283 20.27 27.66 -6.24
C ASP B 283 20.67 27.78 -4.77
N PRO B 284 21.98 27.96 -4.49
CA PRO B 284 22.40 28.10 -3.10
C PRO B 284 22.36 29.59 -2.81
N GLU B 285 21.29 30.23 -3.27
CA GLU B 285 21.06 31.68 -3.19
C GLU B 285 21.98 32.36 -4.24
N THR B 286 22.73 31.54 -4.96
CA THR B 286 23.64 31.98 -6.03
C THR B 286 23.22 31.15 -7.26
N GLY B 287 24.19 30.59 -7.96
CA GLY B 287 23.88 29.77 -9.13
C GLY B 287 24.76 28.54 -9.17
N LYS B 288 25.38 28.23 -8.03
CA LYS B 288 26.25 27.08 -7.90
C LYS B 288 25.49 25.75 -7.93
N TRP B 289 25.68 25.00 -9.01
CA TRP B 289 25.04 23.71 -9.12
C TRP B 289 25.77 22.80 -8.18
N PHE B 290 25.04 22.10 -7.32
CA PHE B 290 25.68 21.20 -6.37
C PHE B 290 24.80 20.02 -6.06
N VAL B 291 25.39 18.82 -6.06
CA VAL B 291 24.66 17.60 -5.75
C VAL B 291 24.39 17.56 -4.27
N PRO B 292 23.11 17.39 -3.90
CA PRO B 292 22.86 17.37 -2.46
C PRO B 292 23.43 16.16 -1.80
N TYR B 293 23.43 16.21 -0.48
CA TYR B 293 23.87 15.11 0.35
C TYR B 293 22.60 14.41 0.78
N VAL B 294 22.73 13.25 1.42
CA VAL B 294 21.53 12.55 1.77
C VAL B 294 21.55 11.77 3.05
N ILE B 295 20.51 11.95 3.85
CA ILE B 295 20.37 11.18 5.08
C ILE B 295 19.27 10.20 4.72
N GLU B 296 19.55 8.93 4.91
CA GLU B 296 18.60 7.91 4.52
C GLU B 296 18.09 7.02 5.66
N PRO B 297 16.84 7.24 6.08
CA PRO B 297 16.35 6.39 7.16
C PRO B 297 15.68 5.21 6.46
N SER B 298 16.34 4.06 6.44
CA SER B 298 15.77 2.89 5.78
C SER B 298 15.21 1.95 6.84
N ALA B 299 13.92 1.63 6.76
CA ALA B 299 13.31 0.75 7.76
C ALA B 299 12.56 -0.38 7.14
N GLY B 300 12.82 -1.59 7.59
CA GLY B 300 12.07 -2.69 7.03
C GLY B 300 10.66 -2.69 7.61
N VAL B 301 9.65 -2.82 6.72
CA VAL B 301 8.27 -2.85 7.15
C VAL B 301 7.93 -4.13 7.90
N ASP B 302 8.53 -5.22 7.44
CA ASP B 302 8.32 -6.53 8.04
C ASP B 302 8.98 -6.67 9.41
N ARG B 303 10.19 -6.17 9.56
CA ARG B 303 10.86 -6.24 10.84
C ARG B 303 10.14 -5.34 11.84
N GLY B 304 9.64 -4.19 11.37
CA GLY B 304 8.92 -3.31 12.27
C GLY B 304 7.71 -4.04 12.84
N VAL B 305 7.04 -4.80 11.98
CA VAL B 305 5.86 -5.54 12.42
C VAL B 305 6.27 -6.55 13.48
N LEU B 306 7.37 -7.25 13.19
CA LEU B 306 7.89 -8.24 14.11
C LEU B 306 8.27 -7.55 15.39
N ALA B 307 8.81 -6.36 15.27
CA ALA B 307 9.21 -5.64 16.44
C ALA B 307 8.00 -5.39 17.31
N LEU B 308 7.02 -4.69 16.75
CA LEU B 308 5.80 -4.38 17.50
C LEU B 308 5.13 -5.66 18.06
N LEU B 309 5.04 -6.70 17.25
CA LEU B 309 4.43 -7.96 17.65
C LEU B 309 5.14 -8.57 18.81
N ALA B 310 6.48 -8.63 18.70
CA ALA B 310 7.38 -9.19 19.72
C ALA B 310 7.20 -8.47 21.00
N GLU B 311 7.35 -7.15 20.93
CA GLU B 311 7.21 -6.25 22.08
C GLU B 311 5.86 -6.34 22.79
N ALA B 312 4.81 -6.60 22.01
CA ALA B 312 3.43 -6.68 22.53
C ALA B 312 3.04 -8.02 23.12
N PHE B 313 3.45 -9.09 22.47
CA PHE B 313 3.15 -10.43 22.95
C PHE B 313 3.49 -10.52 24.44
N THR B 314 2.50 -10.69 25.32
CA THR B 314 2.76 -10.85 26.76
C THR B 314 1.85 -11.93 27.34
N ARG B 315 2.38 -12.76 28.25
CA ARG B 315 1.60 -13.83 28.87
C ARG B 315 1.22 -13.39 30.26
N GLU B 316 0.00 -13.68 30.66
CA GLU B 316 -0.42 -13.25 31.96
C GLU B 316 -1.06 -14.38 32.69
N GLU B 317 -0.65 -14.56 33.93
CA GLU B 317 -1.24 -15.59 34.79
C GLU B 317 -2.47 -14.89 35.37
N LEU B 318 -3.63 -15.29 34.88
CA LEU B 318 -4.85 -14.70 35.33
C LEU B 318 -5.01 -15.06 36.80
N PRO B 319 -6.03 -14.53 37.46
CA PRO B 319 -6.12 -14.92 38.87
C PRO B 319 -6.59 -16.37 39.03
N ASN B 320 -7.58 -16.76 38.21
CA ASN B 320 -8.17 -18.11 38.21
C ASN B 320 -7.17 -19.23 38.00
N GLY B 321 -5.92 -18.86 37.75
CA GLY B 321 -4.87 -19.82 37.55
C GLY B 321 -4.26 -19.83 36.15
N GLU B 322 -5.10 -20.14 35.16
CA GLU B 322 -4.67 -20.20 33.76
C GLU B 322 -4.10 -18.90 33.25
N GLU B 323 -3.27 -19.00 32.22
CA GLU B 323 -2.67 -17.81 31.64
C GLU B 323 -3.36 -17.43 30.33
N ARG B 324 -3.07 -16.22 29.86
CA ARG B 324 -3.60 -15.72 28.60
C ARG B 324 -2.45 -15.04 27.84
N ILE B 325 -2.43 -15.17 26.52
CA ILE B 325 -1.39 -14.51 25.73
C ILE B 325 -2.11 -13.30 25.20
N VAL B 326 -1.79 -12.13 25.73
CA VAL B 326 -2.42 -10.90 25.28
C VAL B 326 -1.46 -10.19 24.36
N LEU B 327 -1.96 -9.64 23.27
CA LEU B 327 -1.10 -8.87 22.38
C LEU B 327 -1.38 -7.45 22.82
N LYS B 328 -0.54 -6.89 23.69
CA LYS B 328 -0.76 -5.54 24.13
C LYS B 328 -0.29 -4.58 23.03
N LEU B 329 -1.02 -4.57 21.91
CA LEU B 329 -0.71 -3.73 20.75
C LEU B 329 -1.14 -2.31 20.99
N LYS B 330 -0.44 -1.36 20.38
CA LYS B 330 -0.77 0.06 20.53
C LYS B 330 -2.10 0.24 19.81
N PRO B 331 -3.20 0.60 20.53
CA PRO B 331 -4.59 0.84 20.08
C PRO B 331 -4.77 1.44 18.69
N GLN B 332 -4.08 2.53 18.43
CA GLN B 332 -4.16 3.17 17.15
C GLN B 332 -3.68 2.25 16.06
N LEU B 333 -3.00 1.18 16.45
CA LEU B 333 -2.45 0.21 15.51
C LEU B 333 -3.06 -1.18 15.51
N ALA B 334 -3.93 -1.46 16.45
CA ALA B 334 -4.50 -2.80 16.47
C ALA B 334 -5.10 -3.14 15.12
N PRO B 335 -5.17 -4.43 14.82
CA PRO B 335 -5.77 -4.64 13.51
C PRO B 335 -7.26 -4.32 13.57
N ILE B 336 -7.87 -4.50 14.75
CA ILE B 336 -9.29 -4.17 14.88
C ILE B 336 -9.51 -3.36 16.15
N LYS B 337 -10.04 -2.15 16.00
CA LYS B 337 -10.25 -1.28 17.14
C LYS B 337 -11.30 -1.75 18.11
N VAL B 338 -12.43 -2.21 17.59
CA VAL B 338 -13.50 -2.68 18.45
C VAL B 338 -14.23 -3.86 17.86
N ALA B 339 -14.55 -4.86 18.69
CA ALA B 339 -15.29 -6.01 18.24
C ALA B 339 -16.61 -5.90 18.90
N VAL B 340 -17.65 -6.22 18.15
CA VAL B 340 -19.00 -6.18 18.65
C VAL B 340 -19.42 -7.63 18.72
N ILE B 341 -19.77 -8.06 19.92
CA ILE B 341 -20.10 -9.44 20.10
C ILE B 341 -21.50 -9.71 20.56
N PRO B 342 -22.27 -10.45 19.76
CA PRO B 342 -23.64 -10.76 20.17
C PRO B 342 -23.56 -11.81 21.27
N LEU B 343 -24.18 -11.52 22.40
CA LEU B 343 -24.12 -12.44 23.51
C LEU B 343 -24.58 -13.83 23.15
N VAL B 344 -25.72 -13.93 22.46
CA VAL B 344 -26.25 -15.23 22.02
C VAL B 344 -26.44 -15.14 20.51
N LYS B 345 -26.01 -16.17 19.79
CA LYS B 345 -26.13 -16.18 18.33
C LYS B 345 -27.54 -16.44 17.77
N ASN B 346 -28.41 -17.02 18.59
CA ASN B 346 -29.75 -17.34 18.11
C ASN B 346 -30.64 -16.13 17.81
N ARG B 347 -30.97 -15.37 18.84
CA ARG B 347 -31.87 -14.25 18.69
C ARG B 347 -31.40 -13.19 17.70
N PRO B 348 -32.08 -13.12 16.53
CA PRO B 348 -31.81 -12.18 15.44
C PRO B 348 -32.00 -10.76 15.91
N GLU B 349 -32.95 -10.57 16.82
CA GLU B 349 -33.22 -9.25 17.35
C GLU B 349 -31.92 -8.71 17.90
N ILE B 350 -31.08 -9.64 18.39
CA ILE B 350 -29.76 -9.28 18.94
C ILE B 350 -28.73 -8.98 17.86
N THR B 351 -28.44 -9.96 17.02
CA THR B 351 -27.46 -9.79 15.94
C THR B 351 -27.71 -8.48 15.16
N GLU B 352 -28.97 -8.17 14.88
CA GLU B 352 -29.33 -6.96 14.15
C GLU B 352 -28.70 -5.81 14.90
N TYR B 353 -29.07 -5.69 16.16
CA TYR B 353 -28.54 -4.60 16.95
C TYR B 353 -27.01 -4.59 16.85
N ALA B 354 -26.39 -5.75 16.97
CA ALA B 354 -24.94 -5.83 16.90
C ALA B 354 -24.42 -5.25 15.57
N LYS B 355 -24.87 -5.84 14.48
CA LYS B 355 -24.46 -5.39 13.16
C LYS B 355 -24.68 -3.89 13.03
N ARG B 356 -25.77 -3.42 13.64
CA ARG B 356 -26.14 -2.00 13.63
C ARG B 356 -25.07 -1.21 14.37
N LEU B 357 -24.88 -1.57 15.62
CA LEU B 357 -23.91 -0.95 16.49
C LEU B 357 -22.56 -0.87 15.77
N LYS B 358 -22.15 -1.98 15.17
CA LYS B 358 -20.86 -2.05 14.48
C LYS B 358 -20.70 -0.86 13.53
N ALA B 359 -21.69 -0.69 12.67
CA ALA B 359 -21.64 0.38 11.71
C ALA B 359 -21.54 1.72 12.35
N ARG B 360 -22.37 1.94 13.36
CA ARG B 360 -22.38 3.22 14.07
C ARG B 360 -20.93 3.56 14.50
N LEU B 361 -20.27 2.63 15.19
CA LEU B 361 -18.94 2.87 15.69
C LEU B 361 -17.93 2.97 14.56
N LEU B 362 -18.23 2.27 13.49
CA LEU B 362 -17.34 2.29 12.35
C LEU B 362 -17.33 3.72 11.92
N ALA B 363 -18.54 4.29 11.84
CA ALA B 363 -18.75 5.67 11.41
C ALA B 363 -17.96 6.69 12.18
N LEU B 364 -17.55 6.34 13.41
CA LEU B 364 -16.77 7.24 14.26
C LEU B 364 -15.48 7.59 13.56
N GLY B 365 -15.03 6.70 12.70
CA GLY B 365 -13.80 6.95 11.99
C GLY B 365 -12.66 6.76 12.97
N LEU B 366 -12.91 5.91 13.96
CA LEU B 366 -11.90 5.65 14.95
C LEU B 366 -11.08 4.43 14.55
N GLY B 367 -11.55 3.68 13.55
CA GLY B 367 -10.79 2.52 13.12
C GLY B 367 -11.66 1.32 12.84
N ARG B 368 -11.08 0.31 12.20
CA ARG B 368 -11.83 -0.86 11.84
C ARG B 368 -12.56 -1.44 13.01
N VAL B 369 -13.88 -1.42 12.93
CA VAL B 369 -14.66 -2.03 13.97
C VAL B 369 -15.01 -3.35 13.35
N LEU B 370 -15.31 -4.36 14.16
CA LEU B 370 -15.59 -5.66 13.62
C LEU B 370 -16.83 -6.24 14.24
N TYR B 371 -17.61 -7.02 13.47
CA TYR B 371 -18.80 -7.64 14.01
C TYR B 371 -18.41 -9.10 14.19
N GLU B 372 -18.34 -9.58 15.41
CA GLU B 372 -17.92 -10.96 15.64
C GLU B 372 -19.06 -11.89 16.07
N ASP B 373 -19.48 -12.82 15.22
CA ASP B 373 -20.52 -13.76 15.65
C ASP B 373 -19.96 -15.14 15.90
N THR B 374 -18.64 -15.18 16.07
CA THR B 374 -17.94 -16.43 16.34
C THR B 374 -18.51 -16.97 17.66
N GLY B 375 -18.49 -18.29 17.83
CA GLY B 375 -19.04 -18.93 19.02
C GLY B 375 -18.71 -18.45 20.43
N ASN B 376 -18.75 -19.42 21.34
CA ASN B 376 -18.47 -19.27 22.77
C ASN B 376 -17.85 -17.91 23.18
N ILE B 377 -18.70 -17.01 23.67
CA ILE B 377 -18.27 -15.69 24.12
C ILE B 377 -16.87 -15.65 24.76
N GLY B 378 -16.56 -16.61 25.61
CA GLY B 378 -15.24 -16.62 26.21
C GLY B 378 -14.17 -16.61 25.13
N LYS B 379 -14.31 -17.55 24.20
CA LYS B 379 -13.40 -17.70 23.07
C LYS B 379 -13.26 -16.41 22.30
N ALA B 380 -14.38 -15.72 22.09
CA ALA B 380 -14.38 -14.48 21.34
C ALA B 380 -13.41 -13.52 22.04
N TYR B 381 -13.68 -13.30 23.33
CA TYR B 381 -12.88 -12.45 24.17
C TYR B 381 -11.43 -12.81 23.96
N ARG B 382 -11.14 -14.10 24.10
CA ARG B 382 -9.80 -14.64 23.91
C ARG B 382 -9.13 -14.26 22.57
N ARG B 383 -9.71 -14.69 21.43
CA ARG B 383 -9.17 -14.38 20.09
C ARG B 383 -8.74 -12.93 20.01
N HIS B 384 -9.61 -12.09 20.53
CA HIS B 384 -9.37 -10.67 20.51
C HIS B 384 -8.22 -10.18 21.36
N ASP B 385 -7.90 -10.92 22.41
CA ASP B 385 -6.76 -10.51 23.25
C ASP B 385 -5.53 -10.97 22.48
N GLU B 386 -5.61 -12.18 21.94
CA GLU B 386 -4.50 -12.73 21.21
C GLU B 386 -4.20 -11.84 20.02
N VAL B 387 -5.22 -11.29 19.38
CA VAL B 387 -4.96 -10.43 18.25
C VAL B 387 -4.86 -8.99 18.71
N GLY B 388 -4.93 -8.81 20.00
CA GLY B 388 -4.82 -7.49 20.57
C GLY B 388 -5.72 -6.35 20.16
N THR B 389 -7.03 -6.59 20.16
CA THR B 389 -8.01 -5.57 19.78
C THR B 389 -8.46 -4.87 21.08
N PRO B 390 -8.14 -3.57 21.24
CA PRO B 390 -8.43 -2.70 22.39
C PRO B 390 -9.74 -2.87 23.19
N PHE B 391 -10.87 -3.03 22.51
CA PHE B 391 -12.12 -3.18 23.23
C PHE B 391 -13.08 -4.08 22.52
N ALA B 392 -13.86 -4.82 23.28
CA ALA B 392 -14.83 -5.71 22.70
C ALA B 392 -16.14 -5.32 23.30
N VAL B 393 -16.91 -4.51 22.58
CA VAL B 393 -18.21 -4.12 23.07
C VAL B 393 -19.14 -5.34 22.93
N THR B 394 -20.02 -5.58 23.90
CA THR B 394 -20.91 -6.73 23.78
C THR B 394 -22.38 -6.47 24.06
N VAL B 395 -23.18 -6.87 23.07
CA VAL B 395 -24.64 -6.74 23.05
C VAL B 395 -25.33 -8.00 23.54
N ASP B 396 -26.52 -7.79 24.09
CA ASP B 396 -27.33 -8.87 24.64
C ASP B 396 -28.75 -8.43 24.95
N TYR B 397 -29.59 -9.42 25.26
CA TYR B 397 -31.03 -9.22 25.57
C TYR B 397 -31.38 -7.88 26.16
N ASP B 398 -30.66 -7.48 27.19
CA ASP B 398 -30.92 -6.22 27.82
C ASP B 398 -30.76 -5.07 26.84
N THR B 399 -29.63 -5.05 26.15
CA THR B 399 -29.33 -4.00 25.19
C THR B 399 -30.53 -3.83 24.29
N ILE B 400 -31.02 -4.96 23.81
CA ILE B 400 -32.18 -4.99 22.94
C ILE B 400 -33.37 -4.43 23.72
N GLY B 401 -33.53 -4.95 24.93
CA GLY B 401 -34.61 -4.57 25.81
C GLY B 401 -35.24 -5.79 26.46
N GLN B 402 -35.04 -6.97 25.87
CA GLN B 402 -35.59 -8.24 26.36
C GLN B 402 -34.92 -8.76 27.63
N SER B 403 -34.83 -7.92 28.66
CA SER B 403 -34.19 -8.31 29.93
C SER B 403 -34.88 -9.42 30.74
N LYS B 404 -34.10 -10.07 31.62
CA LYS B 404 -34.58 -11.16 32.48
C LYS B 404 -35.62 -10.76 33.52
N ASP B 405 -35.20 -9.93 34.46
CA ASP B 405 -36.06 -9.46 35.54
C ASP B 405 -37.31 -8.69 35.12
N GLY B 406 -37.71 -8.84 33.85
CA GLY B 406 -38.89 -8.16 33.33
C GLY B 406 -38.70 -6.66 33.44
N THR B 407 -37.46 -6.23 33.20
CA THR B 407 -37.06 -4.84 33.31
C THR B 407 -36.46 -4.33 32.03
N THR B 408 -37.06 -3.30 31.47
CA THR B 408 -36.51 -2.73 30.26
C THR B 408 -35.79 -1.45 30.65
N ARG B 409 -34.77 -1.61 31.49
CA ARG B 409 -33.93 -0.49 31.93
C ARG B 409 -32.63 -0.56 31.17
N LEU B 410 -31.96 -1.71 31.25
CA LEU B 410 -30.68 -1.93 30.56
C LEU B 410 -30.69 -1.76 29.06
N LYS B 411 -31.86 -1.41 28.52
CA LYS B 411 -32.01 -1.20 27.11
C LYS B 411 -31.03 -0.16 26.63
N ASP B 412 -30.39 -0.46 25.52
CA ASP B 412 -29.44 0.44 24.89
C ASP B 412 -28.13 0.64 25.68
N THR B 413 -27.77 -0.39 26.43
CA THR B 413 -26.54 -0.41 27.21
C THR B 413 -25.76 -1.66 26.87
N VAL B 414 -24.47 -1.51 26.65
CA VAL B 414 -23.63 -2.66 26.33
C VAL B 414 -22.47 -2.74 27.31
N THR B 415 -21.63 -3.75 27.13
CA THR B 415 -20.52 -3.95 28.02
C THR B 415 -19.19 -3.91 27.24
N VAL B 416 -18.38 -2.86 27.46
CA VAL B 416 -17.07 -2.71 26.80
C VAL B 416 -15.99 -3.30 27.71
N ARG B 417 -15.32 -4.38 27.27
CA ARG B 417 -14.30 -5.01 28.12
C ARG B 417 -12.87 -4.69 27.72
N ASP B 418 -12.17 -3.86 28.51
CA ASP B 418 -10.77 -3.45 28.21
C ASP B 418 -9.75 -4.58 28.14
N ARG B 419 -9.10 -4.65 26.98
CA ARG B 419 -8.10 -5.68 26.72
C ARG B 419 -7.05 -5.86 27.84
N ASP B 420 -6.35 -4.80 28.17
CA ASP B 420 -5.32 -4.88 29.17
C ASP B 420 -5.88 -5.22 30.53
N THR B 421 -6.53 -4.23 31.12
CA THR B 421 -7.09 -4.35 32.47
C THR B 421 -8.15 -5.42 32.69
N MET B 422 -8.72 -5.91 31.61
CA MET B 422 -9.73 -6.93 31.71
C MET B 422 -10.99 -6.39 32.35
N GLU B 423 -11.02 -5.10 32.67
CA GLU B 423 -12.23 -4.58 33.27
C GLU B 423 -13.38 -4.56 32.28
N GLN B 424 -14.58 -4.87 32.80
CA GLN B 424 -15.81 -4.91 31.98
C GLN B 424 -16.82 -3.84 32.49
N ILE B 425 -16.91 -2.71 31.80
CA ILE B 425 -17.82 -1.66 32.22
C ILE B 425 -19.09 -1.63 31.35
N ARG B 426 -20.25 -1.66 31.97
CA ARG B 426 -21.48 -1.61 31.17
C ARG B 426 -21.86 -0.14 30.97
N LEU B 427 -21.89 0.31 29.72
CA LEU B 427 -22.25 1.69 29.45
C LEU B 427 -23.23 1.86 28.29
N HIS B 428 -23.90 3.02 28.28
CA HIS B 428 -24.87 3.31 27.24
C HIS B 428 -24.18 3.71 25.97
N VAL B 429 -24.82 3.29 24.88
CA VAL B 429 -24.35 3.49 23.51
C VAL B 429 -23.82 4.87 23.22
N ASP B 430 -24.65 5.88 23.50
CA ASP B 430 -24.26 7.26 23.23
C ASP B 430 -22.95 7.56 23.91
N GLU B 431 -22.77 6.98 25.11
CA GLU B 431 -21.54 7.15 25.91
C GLU B 431 -20.37 6.42 25.25
N LEU B 432 -20.68 5.20 24.83
CA LEU B 432 -19.73 4.33 24.18
C LEU B 432 -18.96 5.07 23.08
N GLU B 433 -19.66 5.97 22.40
CA GLU B 433 -19.08 6.72 21.30
C GLU B 433 -17.96 7.58 21.83
N GLY B 434 -18.22 8.22 22.96
CA GLY B 434 -17.22 9.07 23.56
C GLY B 434 -16.02 8.32 24.11
N PHE B 435 -16.28 7.22 24.82
CA PHE B 435 -15.25 6.36 25.41
C PHE B 435 -14.18 6.07 24.36
N LEU B 436 -14.60 5.52 23.24
CA LEU B 436 -13.69 5.18 22.18
C LEU B 436 -12.99 6.41 21.69
N ARG B 437 -13.77 7.47 21.51
CA ARG B 437 -13.22 8.72 21.03
C ARG B 437 -11.97 9.09 21.77
N GLU B 438 -11.95 8.83 23.06
CA GLU B 438 -10.81 9.19 23.89
C GLU B 438 -9.64 8.23 23.83
N ARG B 439 -9.92 6.94 23.81
CA ARG B 439 -8.86 5.95 23.77
C ARG B 439 -8.19 5.78 22.38
N LEU B 440 -9.02 5.52 21.38
CA LEU B 440 -8.56 5.24 20.02
C LEU B 440 -8.05 6.40 19.17
N ARG B 441 -8.17 7.63 19.66
CA ARG B 441 -7.70 8.78 18.88
C ARG B 441 -6.18 8.91 18.93
N TRP B 442 -5.59 9.21 17.77
CA TRP B 442 -4.14 9.39 17.61
C TRP B 442 -3.60 10.48 18.50
PG ATP C . -6.22 -7.24 -20.40
O1G ATP C . -6.62 -8.22 -21.50
O2G ATP C . -4.71 -7.09 -20.27
O3G ATP C . -6.89 -5.88 -20.60
PB ATP C . -8.16 -8.46 -18.50
O1B ATP C . -8.88 -7.37 -17.79
O2B ATP C . -8.83 -9.17 -19.64
O3B ATP C . -6.72 -7.88 -18.99
PA ATP C . -8.03 -9.62 -15.78
O1A ATP C . -9.50 -9.77 -15.59
O2A ATP C . -7.11 -10.62 -15.18
O3A ATP C . -7.77 -9.58 -17.37
O5' ATP C . -7.53 -8.18 -15.29
C5' ATP C . -8.12 -7.51 -14.18
C4' ATP C . -7.91 -6.02 -14.30
O4' ATP C . -6.49 -5.77 -14.24
C3' ATP C . -8.29 -5.45 -15.66
O3' ATP C . -9.66 -5.08 -15.66
C2' ATP C . -7.45 -4.21 -15.74
O2' ATP C . -8.01 -3.16 -14.99
C1' ATP C . -6.17 -4.66 -15.05
N9 ATP C . -5.09 -5.03 -15.95
C8 ATP C . -4.83 -6.25 -16.51
N7 ATP C . -3.75 -6.28 -17.25
C5 ATP C . -3.29 -4.97 -17.20
C6 ATP C . -2.16 -4.34 -17.77
N6 ATP C . -1.28 -4.97 -18.54
N1 ATP C . -1.98 -3.02 -17.52
C2 ATP C . -2.89 -2.39 -16.75
N3 ATP C . -3.97 -2.87 -16.15
C4 ATP C . -4.12 -4.18 -16.42
HO2' ATP C . -7.44 -2.41 -15.08
HN61 ATP C . -0.49 -4.48 -18.92
HN62 ATP C . -1.40 -5.96 -18.72
PG ATP D . 19.65 -5.83 7.65
O1G ATP D . 20.84 -5.60 8.60
O2G ATP D . 19.57 -7.28 7.17
O3G ATP D . 18.35 -5.38 8.28
PB ATP D . 21.03 -3.85 5.90
O1B ATP D . 21.14 -2.75 6.92
O2B ATP D . 22.25 -4.60 5.51
O3B ATP D . 19.88 -4.91 6.33
PA ATP D . 19.36 -1.98 4.39
O1A ATP D . 20.07 -0.75 4.81
O2A ATP D . 18.78 -2.05 3.03
O3A ATP D . 20.42 -3.17 4.57
O5' ATP D . 18.23 -2.31 5.45
C5' ATP D . 17.29 -1.33 5.86
C4' ATP D . 16.14 -1.99 6.57
O4' ATP D . 15.39 -2.81 5.64
C3' ATP D . 16.59 -2.95 7.67
O3' ATP D . 16.77 -2.25 8.90
C2' ATP D . 15.46 -3.97 7.73
O2' ATP D . 14.41 -3.62 8.61
C1' ATP D . 14.97 -4.00 6.28
N9 ATP D . 15.52 -5.14 5.55
C8 ATP D . 16.72 -5.18 4.88
N7 ATP D . 16.99 -6.34 4.35
C5 ATP D . 15.89 -7.12 4.67
C6 ATP D . 15.56 -8.47 4.38
N6 ATP D . 16.35 -9.30 3.69
N1 ATP D . 14.38 -8.94 4.84
C2 ATP D . 13.59 -8.10 5.54
N3 ATP D . 13.78 -6.82 5.87
C4 ATP D . 14.97 -6.39 5.40
HO2' ATP D . 13.77 -4.32 8.57
HN61 ATP D . 16.06 -10.25 3.51
HN62 ATP D . 17.23 -8.97 3.33
#